data_5IDI
#
_entry.id   5IDI
#
_cell.length_a   67.277
_cell.length_b   98.726
_cell.length_c   154.756
_cell.angle_alpha   90.00
_cell.angle_beta   90.00
_cell.angle_gamma   90.00
#
_symmetry.space_group_name_H-M   'P 21 21 21'
#
loop_
_entity.id
_entity.type
_entity.pdbx_description
1 polymer '1,4-beta-D-glucan glucohydrolase'
2 non-polymer 'ACETATE ION'
3 water water
#
_entity_poly.entity_id   1
_entity_poly.type   'polypeptide(L)'
_entity_poly.pdbx_seq_one_letter_code
;MKKFPEGFLWGVATASYQIEGSPLADGAGMSIWHTFSHTPGNVKNGDTGDVACDHYNRWKEDIEIIEKIGAKAYRFSISW
PRILPEGTGKVNQKGLDFYNRIIDTLLEKNITPFITIYHWDLPFSLQLKGGWANRDIADWFAEYSRVLFENFGDRVKHWI
TLNELWVVAIVGHLYGVHAPGMKDIYVAFHTVHNLLRAHAKSVKVFRETVKDGKIGIVFNNGYFEPASEREEDIRAARFM
HQFNNYPLFLNPIYRGEYPDLVLEFAREYLPRNYEDDMEEIKQEIDFVGLNYYSGHMVKYDPNSPARVSFVERNLPKTAM
GWEIVPEGIYWILKGVKEEYNPQEVYITGNGAAFDDVVSEGGKVHDQNRIDYLRAHIEQVWRAIQDGVPLKGYFVWSLLD
NFEWAEGYSKRFGIVYVDYNTQKRIIKDSGYWYSNVIKNNGLTDLEHHHHHH
;
_entity_poly.pdbx_strand_id   A,B
#
loop_
_chem_comp.id
_chem_comp.type
_chem_comp.name
_chem_comp.formula
ACT non-polymer 'ACETATE ION' 'C2 H3 O2 -1'
#
# COMPACT_ATOMS: atom_id res chain seq x y z
N MET A 1 12.19 33.81 37.63
CA MET A 1 12.51 32.97 36.54
C MET A 1 11.79 31.62 36.70
N LYS A 2 11.57 30.96 35.58
CA LYS A 2 11.24 29.54 35.53
C LYS A 2 12.54 28.85 35.20
N LYS A 3 13.24 28.47 36.26
CA LYS A 3 14.56 27.87 36.17
C LYS A 3 14.42 26.32 35.98
N PHE A 4 15.15 25.69 35.06
CA PHE A 4 15.10 24.27 34.86
C PHE A 4 16.08 23.58 35.77
N PRO A 5 16.05 22.27 35.85
CA PRO A 5 17.03 21.65 36.79
C PRO A 5 18.43 21.70 36.28
N GLU A 6 19.37 21.59 37.19
CA GLU A 6 20.80 21.58 36.84
C GLU A 6 21.13 20.50 35.87
N GLY A 7 21.91 20.72 34.82
CA GLY A 7 22.21 19.67 33.82
C GLY A 7 21.10 19.27 32.87
N PHE A 8 19.99 19.99 32.88
CA PHE A 8 18.90 19.73 31.94
C PHE A 8 19.43 19.83 30.51
N LEU A 9 19.11 18.91 29.60
CA LEU A 9 19.64 19.02 28.23
C LEU A 9 18.71 19.75 27.28
N TRP A 10 19.11 20.92 26.83
CA TRP A 10 18.43 21.64 25.78
C TRP A 10 18.93 21.15 24.45
N GLY A 11 18.04 20.65 23.58
CA GLY A 11 18.51 20.12 22.32
C GLY A 11 17.79 20.63 21.10
N VAL A 12 18.30 20.20 19.97
CA VAL A 12 17.62 20.35 18.65
C VAL A 12 17.58 19.00 17.91
N ALA A 13 16.63 18.83 17.02
CA ALA A 13 16.41 17.58 16.33
C ALA A 13 16.22 17.70 14.84
N THR A 14 16.68 16.69 14.08
CA THR A 14 16.41 16.49 12.69
C THR A 14 16.25 14.97 12.40
N ALA A 15 16.04 14.66 11.13
CA ALA A 15 16.02 13.27 10.60
C ALA A 15 16.70 13.21 9.23
N SER A 16 17.29 12.04 8.95
CA SER A 16 18.20 11.83 7.78
C SER A 16 17.55 12.19 6.44
N TYR A 17 16.36 11.61 6.19
CA TYR A 17 15.64 11.87 4.87
C TYR A 17 15.27 13.36 4.65
N GLN A 18 14.92 14.00 5.75
CA GLN A 18 14.36 15.33 5.74
C GLN A 18 15.41 16.39 5.42
N ILE A 19 16.74 16.15 5.77
CA ILE A 19 17.73 17.19 5.61
C ILE A 19 18.87 16.86 4.66
N GLU A 20 19.17 15.57 4.48
CA GLU A 20 20.50 15.17 3.91
C GLU A 20 20.59 15.42 2.43
N GLY A 21 19.56 15.03 1.63
CA GLY A 21 19.84 15.00 0.19
C GLY A 21 20.82 13.89 -0.19
N SER A 22 21.13 13.80 -1.49
CA SER A 22 22.10 12.77 -1.95
C SER A 22 21.76 11.34 -1.48
N PRO A 23 20.52 10.96 -1.58
CA PRO A 23 20.06 9.64 -1.12
C PRO A 23 20.73 8.37 -1.74
N LEU A 24 21.28 8.48 -2.93
CA LEU A 24 21.94 7.35 -3.63
C LEU A 24 23.47 7.52 -3.74
N ALA A 25 24.01 8.58 -3.14
CA ALA A 25 25.43 8.80 -3.14
C ALA A 25 26.21 7.66 -2.38
N ASP A 26 27.41 7.47 -2.90
CA ASP A 26 28.45 6.61 -2.25
C ASP A 26 27.96 5.20 -1.88
N GLY A 27 27.23 4.64 -2.78
CA GLY A 27 26.81 3.28 -2.70
C GLY A 27 25.50 3.02 -1.96
N ALA A 28 24.81 4.08 -1.44
CA ALA A 28 23.60 3.87 -0.67
C ALA A 28 22.48 3.16 -1.48
N GLY A 29 21.70 2.33 -0.84
CA GLY A 29 20.55 1.71 -1.49
C GLY A 29 19.33 2.69 -1.39
N MET A 30 18.32 2.46 -2.22
CA MET A 30 17.10 3.22 -2.17
C MET A 30 16.33 3.03 -0.87
N SER A 31 15.70 4.09 -0.36
CA SER A 31 14.73 3.97 0.71
C SER A 31 13.26 4.01 0.19
N ILE A 32 12.36 3.60 1.04
CA ILE A 32 10.90 3.72 0.73
C ILE A 32 10.45 5.13 0.54
N TRP A 33 11.13 6.08 1.17
CA TRP A 33 10.81 7.50 0.93
C TRP A 33 11.28 8.02 -0.43
N HIS A 34 12.44 7.57 -0.86
CA HIS A 34 12.84 7.74 -2.24
C HIS A 34 11.76 7.25 -3.20
N THR A 35 11.28 6.02 -3.11
CA THR A 35 10.35 5.50 -4.13
C THR A 35 9.01 6.13 -4.01
N PHE A 36 8.59 6.29 -2.73
CA PHE A 36 7.27 6.94 -2.43
C PHE A 36 7.19 8.42 -2.99
N SER A 37 8.23 9.24 -2.66
CA SER A 37 8.27 10.62 -3.12
C SER A 37 8.45 10.72 -4.60
N HIS A 38 9.09 9.74 -5.23
CA HIS A 38 9.26 9.73 -6.72
C HIS A 38 8.04 9.14 -7.44
N THR A 39 7.00 8.84 -6.72
CA THR A 39 5.71 8.45 -7.32
C THR A 39 4.76 9.66 -7.40
N PRO A 40 4.26 9.99 -8.60
CA PRO A 40 3.44 11.18 -8.70
C PRO A 40 2.21 11.07 -7.83
N GLY A 41 1.90 12.18 -7.21
CA GLY A 41 0.69 12.36 -6.44
C GLY A 41 0.86 12.10 -4.97
N ASN A 42 2.04 11.66 -4.50
CA ASN A 42 2.12 11.29 -3.09
C ASN A 42 2.56 12.46 -2.16
N VAL A 43 3.28 13.42 -2.75
CA VAL A 43 3.88 14.51 -1.98
C VAL A 43 3.50 15.86 -2.67
N LYS A 44 3.16 16.86 -1.87
CA LYS A 44 2.78 18.18 -2.43
C LYS A 44 3.93 18.73 -3.34
N ASN A 45 3.49 19.33 -4.48
CA ASN A 45 4.34 19.93 -5.50
C ASN A 45 5.34 18.91 -6.13
N GLY A 46 5.10 17.61 -6.01
CA GLY A 46 6.08 16.63 -6.48
C GLY A 46 7.45 16.71 -5.75
N ASP A 47 7.53 17.29 -4.58
CA ASP A 47 8.82 17.36 -3.81
C ASP A 47 9.36 15.96 -3.42
N THR A 48 10.73 15.88 -3.37
CA THR A 48 11.47 14.71 -2.90
C THR A 48 12.59 15.11 -1.96
N GLY A 49 13.19 14.10 -1.37
CA GLY A 49 14.41 14.31 -0.56
C GLY A 49 15.72 14.27 -1.38
N ASP A 50 15.63 14.51 -2.67
CA ASP A 50 16.81 14.38 -3.58
C ASP A 50 17.88 15.34 -3.18
N VAL A 51 17.48 16.55 -2.79
CA VAL A 51 18.42 17.63 -2.38
C VAL A 51 18.20 18.03 -0.94
N ALA A 52 16.96 18.40 -0.55
CA ALA A 52 16.63 18.83 0.82
C ALA A 52 17.54 20.00 1.23
N CYS A 53 18.13 20.00 2.40
CA CYS A 53 19.04 21.05 2.86
C CYS A 53 20.54 20.73 2.50
N ASP A 54 20.77 19.72 1.65
CA ASP A 54 22.12 19.31 1.23
C ASP A 54 23.03 19.10 2.48
N HIS A 55 22.47 18.61 3.58
CA HIS A 55 23.22 18.33 4.80
C HIS A 55 24.34 17.27 4.54
N TYR A 56 24.13 16.46 3.52
CA TYR A 56 25.17 15.48 3.20
C TYR A 56 26.57 16.18 3.00
N ASN A 57 26.55 17.35 2.40
CA ASN A 57 27.74 18.16 2.12
C ASN A 57 27.92 19.27 3.09
N ARG A 58 26.84 19.77 3.68
CA ARG A 58 26.92 20.97 4.55
C ARG A 58 26.89 20.71 6.07
N TRP A 59 27.06 19.46 6.46
CA TRP A 59 26.94 19.01 7.84
C TRP A 59 27.85 19.81 8.84
N LYS A 60 29.08 20.15 8.42
CA LYS A 60 29.95 20.79 9.32
C LYS A 60 29.48 22.21 9.65
N GLU A 61 29.16 22.98 8.64
CA GLU A 61 28.38 24.27 8.86
C GLU A 61 27.15 24.13 9.78
N ASP A 62 26.33 23.08 9.59
CA ASP A 62 25.18 22.92 10.44
C ASP A 62 25.48 22.66 11.93
N ILE A 63 26.54 21.93 12.21
CA ILE A 63 26.95 21.70 13.55
C ILE A 63 27.52 22.95 14.16
N GLU A 64 28.24 23.77 13.38
CA GLU A 64 28.73 25.07 13.88
C GLU A 64 27.52 25.98 14.25
N ILE A 65 26.38 25.81 13.53
CA ILE A 65 25.13 26.55 13.91
C ILE A 65 24.59 26.05 15.25
N ILE A 66 24.53 24.75 15.44
CA ILE A 66 24.12 24.15 16.72
C ILE A 66 24.95 24.74 17.83
N GLU A 67 26.27 24.76 17.65
CA GLU A 67 27.25 25.31 18.60
C GLU A 67 27.05 26.83 18.90
N LYS A 68 26.82 27.59 17.87
CA LYS A 68 26.47 29.02 18.00
C LYS A 68 25.12 29.27 18.79
N ILE A 69 24.12 28.41 18.67
CA ILE A 69 22.84 28.51 19.41
C ILE A 69 23.14 28.09 20.87
N GLY A 70 24.03 27.09 21.05
CA GLY A 70 24.48 26.64 22.36
C GLY A 70 23.66 25.40 22.79
N ALA A 71 22.97 24.75 21.89
CA ALA A 71 22.35 23.47 22.23
C ALA A 71 23.36 22.46 22.78
N LYS A 72 23.02 21.73 23.85
CA LYS A 72 23.96 20.77 24.45
C LYS A 72 23.72 19.32 23.96
N ALA A 73 22.64 19.12 23.21
CA ALA A 73 22.28 17.85 22.64
C ALA A 73 21.71 17.98 21.19
N TYR A 74 22.03 17.03 20.31
CA TYR A 74 21.59 17.01 18.90
C TYR A 74 21.00 15.60 18.63
N ARG A 75 19.71 15.56 18.40
CA ARG A 75 19.04 14.29 18.07
C ARG A 75 19.03 14.26 16.52
N PHE A 76 19.66 13.24 15.94
CA PHE A 76 19.63 13.01 14.52
C PHE A 76 19.39 11.53 14.24
N SER A 77 19.09 11.20 12.99
CA SER A 77 18.86 9.85 12.64
C SER A 77 19.91 9.34 11.64
N ILE A 78 20.06 8.04 11.65
CA ILE A 78 20.88 7.32 10.64
C ILE A 78 20.03 6.67 9.53
N SER A 79 20.44 6.85 8.28
CA SER A 79 19.77 6.23 7.14
C SER A 79 20.19 4.76 7.03
N TRP A 80 19.25 3.89 7.35
CA TRP A 80 19.50 2.49 7.16
C TRP A 80 20.18 2.09 5.84
N PRO A 81 19.67 2.49 4.69
CA PRO A 81 20.23 2.06 3.44
C PRO A 81 21.51 2.74 3.03
N ARG A 82 21.92 3.78 3.75
CA ARG A 82 23.33 4.15 3.61
C ARG A 82 24.31 3.17 4.31
N ILE A 83 23.85 2.47 5.36
CA ILE A 83 24.70 1.56 6.13
C ILE A 83 24.65 0.13 5.57
N LEU A 84 23.47 -0.33 5.26
CA LEU A 84 23.26 -1.62 4.62
C LEU A 84 22.38 -1.42 3.40
N PRO A 85 22.97 -1.31 2.20
CA PRO A 85 22.14 -0.92 1.07
C PRO A 85 21.04 -1.90 0.66
N GLU A 86 21.23 -3.18 0.99
CA GLU A 86 20.27 -4.22 0.71
C GLU A 86 19.52 -4.52 1.99
N GLY A 87 19.65 -3.70 3.03
CA GLY A 87 18.93 -3.99 4.27
C GLY A 87 19.61 -4.90 5.21
N THR A 88 20.06 -6.05 4.72
CA THR A 88 20.95 -6.99 5.44
C THR A 88 22.23 -7.24 4.63
N GLY A 89 23.21 -7.94 5.23
CA GLY A 89 24.39 -8.36 4.50
C GLY A 89 25.50 -7.32 4.50
N LYS A 90 25.96 -6.86 3.37
CA LYS A 90 27.21 -6.08 3.29
C LYS A 90 27.10 -4.65 3.80
N VAL A 91 27.96 -4.28 4.74
CA VAL A 91 28.00 -2.96 5.31
C VAL A 91 28.75 -2.03 4.36
N ASN A 92 28.16 -0.91 4.09
CA ASN A 92 28.77 0.19 3.29
C ASN A 92 29.70 1.15 4.11
N GLN A 93 31.02 1.06 3.88
CA GLN A 93 31.97 1.86 4.61
C GLN A 93 31.74 3.34 4.54
N LYS A 94 31.28 3.76 3.38
CA LYS A 94 31.09 5.20 3.08
C LYS A 94 29.99 5.75 3.96
N GLY A 95 29.02 4.90 4.27
CA GLY A 95 27.93 5.28 5.16
C GLY A 95 28.38 5.43 6.58
N LEU A 96 29.14 4.44 7.06
CA LEU A 96 29.81 4.64 8.37
C LEU A 96 30.67 6.00 8.46
N ASP A 97 31.45 6.27 7.41
CA ASP A 97 32.41 7.40 7.35
C ASP A 97 31.60 8.69 7.52
N PHE A 98 30.51 8.82 6.78
CA PHE A 98 29.65 9.99 6.89
C PHE A 98 29.24 10.27 8.36
N TYR A 99 28.68 9.27 9.05
CA TYR A 99 28.18 9.57 10.40
C TYR A 99 29.27 9.66 11.44
N ASN A 100 30.34 8.89 11.28
CA ASN A 100 31.50 9.04 12.12
C ASN A 100 32.06 10.48 12.19
N ARG A 101 32.15 11.16 11.05
CA ARG A 101 32.59 12.59 11.06
C ARG A 101 31.62 13.48 11.85
N ILE A 102 30.31 13.18 11.72
CA ILE A 102 29.31 13.95 12.47
C ILE A 102 29.49 13.72 13.94
N ILE A 103 29.64 12.44 14.32
CA ILE A 103 29.76 12.14 15.72
C ILE A 103 30.99 12.81 16.37
N ASP A 104 32.12 12.61 15.73
CA ASP A 104 33.38 13.17 16.21
C ASP A 104 33.40 14.67 16.31
N THR A 105 32.71 15.38 15.42
CA THR A 105 32.72 16.81 15.39
C THR A 105 31.79 17.25 16.59
N LEU A 106 30.64 16.58 16.74
CA LEU A 106 29.81 16.87 17.87
C LEU A 106 30.55 16.79 19.22
N LEU A 107 31.21 15.67 19.48
CA LEU A 107 31.93 15.41 20.71
C LEU A 107 33.04 16.45 20.91
N GLU A 108 33.72 16.81 19.85
CA GLU A 108 34.78 17.77 20.02
C GLU A 108 34.20 19.19 20.43
N LYS A 109 32.94 19.50 20.11
CA LYS A 109 32.23 20.72 20.48
C LYS A 109 31.38 20.52 21.70
N ASN A 110 31.58 19.45 22.47
CA ASN A 110 30.76 19.13 23.67
C ASN A 110 29.26 19.22 23.50
N ILE A 111 28.77 18.77 22.30
CA ILE A 111 27.39 18.50 22.07
C ILE A 111 27.13 16.97 22.19
N THR A 112 26.23 16.59 23.06
CA THR A 112 25.82 15.17 23.21
C THR A 112 24.98 14.61 22.05
N PRO A 113 25.46 13.54 21.40
CA PRO A 113 24.66 12.94 20.33
C PRO A 113 23.56 11.99 20.86
N PHE A 114 22.34 12.16 20.37
CA PHE A 114 21.18 11.25 20.64
C PHE A 114 20.90 10.70 19.26
N ILE A 115 21.18 9.41 19.03
CA ILE A 115 20.92 8.83 17.68
C ILE A 115 19.66 8.00 17.64
N THR A 116 18.83 8.30 16.64
CA THR A 116 17.61 7.61 16.25
C THR A 116 17.99 6.64 15.21
N ILE A 117 17.85 5.36 15.55
CA ILE A 117 18.26 4.27 14.65
C ILE A 117 17.39 4.22 13.39
N TYR A 118 16.07 4.44 13.60
CA TYR A 118 15.07 4.43 12.53
C TYR A 118 14.02 5.60 12.54
N HIS A 119 14.14 6.46 11.55
CA HIS A 119 13.32 7.66 11.34
C HIS A 119 12.79 7.63 9.88
N TRP A 120 12.23 6.46 9.55
CA TRP A 120 11.27 6.18 8.49
C TRP A 120 11.80 5.81 7.09
N ASP A 121 13.10 5.93 6.91
CA ASP A 121 13.74 5.61 5.63
C ASP A 121 14.20 4.11 5.51
N LEU A 122 13.25 3.19 5.55
CA LEU A 122 13.46 1.76 5.38
C LEU A 122 14.13 1.45 4.01
N PRO A 123 15.12 0.56 3.99
CA PRO A 123 15.59 0.13 2.72
C PRO A 123 14.55 -0.46 1.88
N PHE A 124 14.43 0.01 0.65
CA PHE A 124 13.52 -0.56 -0.27
C PHE A 124 13.60 -2.07 -0.56
N SER A 125 14.82 -2.65 -0.60
CA SER A 125 15.00 -4.06 -0.58
C SER A 125 14.17 -4.76 0.49
N LEU A 126 14.01 -4.19 1.68
CA LEU A 126 13.23 -4.89 2.72
C LEU A 126 11.68 -4.71 2.49
N GLN A 127 11.32 -3.59 1.91
CA GLN A 127 9.92 -3.35 1.52
C GLN A 127 9.42 -4.30 0.50
N LEU A 128 10.28 -4.72 -0.44
CA LEU A 128 9.91 -5.74 -1.41
C LEU A 128 9.56 -7.10 -0.73
N LYS A 129 10.12 -7.35 0.44
CA LYS A 129 9.81 -8.50 1.27
C LYS A 129 8.77 -8.20 2.40
N GLY A 130 7.98 -7.17 2.21
CA GLY A 130 6.89 -6.84 3.16
C GLY A 130 7.18 -5.77 4.17
N GLY A 131 8.46 -5.35 4.32
CA GLY A 131 8.86 -4.27 5.22
C GLY A 131 8.38 -4.57 6.65
N TRP A 132 7.71 -3.62 7.28
CA TRP A 132 7.21 -3.79 8.69
C TRP A 132 6.13 -4.81 8.83
N ALA A 133 5.56 -5.22 7.72
CA ALA A 133 4.57 -6.33 7.78
C ALA A 133 5.10 -7.72 7.97
N ASN A 134 6.38 -7.93 7.64
CA ASN A 134 7.01 -9.22 7.73
C ASN A 134 7.64 -9.37 9.12
N ARG A 135 7.24 -10.43 9.77
CA ARG A 135 7.78 -10.69 11.12
C ARG A 135 9.33 -10.76 11.17
N ASP A 136 9.98 -11.22 10.12
CA ASP A 136 11.42 -11.31 10.07
C ASP A 136 12.11 -9.89 10.22
N ILE A 137 11.34 -8.78 10.06
CA ILE A 137 11.96 -7.48 10.19
C ILE A 137 12.54 -7.28 11.59
N ALA A 138 11.98 -7.92 12.59
CA ALA A 138 12.52 -7.76 13.91
C ALA A 138 14.05 -8.22 13.95
N ASP A 139 14.33 -9.31 13.28
CA ASP A 139 15.74 -9.83 13.16
C ASP A 139 16.57 -8.92 12.23
N TRP A 140 16.02 -8.42 11.13
CA TRP A 140 16.84 -7.52 10.27
C TRP A 140 17.20 -6.26 11.02
N PHE A 141 16.23 -5.79 11.85
CA PHE A 141 16.40 -4.59 12.61
C PHE A 141 17.46 -4.78 13.73
N ALA A 142 17.38 -5.88 14.46
CA ALA A 142 18.44 -6.27 15.42
C ALA A 142 19.85 -6.28 14.79
N GLU A 143 19.95 -6.74 13.55
CA GLU A 143 21.24 -6.96 12.86
C GLU A 143 21.76 -5.57 12.44
N TYR A 144 20.88 -4.69 11.93
CA TYR A 144 21.25 -3.30 11.63
C TYR A 144 21.64 -2.55 12.89
N SER A 145 20.83 -2.70 13.94
CA SER A 145 21.15 -2.08 15.21
C SER A 145 22.59 -2.52 15.67
N ARG A 146 22.89 -3.80 15.56
CA ARG A 146 24.21 -4.30 15.98
C ARG A 146 25.37 -3.54 15.27
N VAL A 147 25.25 -3.35 13.95
CA VAL A 147 26.18 -2.66 13.19
C VAL A 147 26.40 -1.25 13.72
N LEU A 148 25.33 -0.50 14.00
CA LEU A 148 25.51 0.83 14.60
C LEU A 148 26.15 0.82 15.97
N PHE A 149 25.72 -0.07 16.84
CA PHE A 149 26.25 -0.11 18.19
C PHE A 149 27.73 -0.46 18.21
N GLU A 150 28.12 -1.41 17.38
CA GLU A 150 29.53 -1.88 17.34
C GLU A 150 30.42 -0.82 16.70
N ASN A 151 29.94 0.01 15.75
CA ASN A 151 30.66 1.09 15.17
C ASN A 151 30.66 2.49 15.88
N PHE A 152 29.60 2.80 16.59
CA PHE A 152 29.39 4.14 17.14
C PHE A 152 29.23 4.17 18.66
N GLY A 153 28.92 3.01 19.28
CA GLY A 153 28.63 2.89 20.76
C GLY A 153 29.79 3.28 21.69
N ASP A 154 31.08 3.14 21.21
CA ASP A 154 32.21 3.67 21.86
C ASP A 154 32.08 5.16 22.17
N ARG A 155 31.45 5.95 21.29
CA ARG A 155 31.29 7.39 21.45
C ARG A 155 29.91 7.93 21.81
N VAL A 156 28.87 7.26 21.33
CA VAL A 156 27.46 7.67 21.51
C VAL A 156 26.84 6.75 22.58
N LYS A 157 26.29 7.38 23.61
CA LYS A 157 25.74 6.72 24.75
C LYS A 157 24.26 6.94 24.91
N HIS A 158 23.61 7.60 23.96
CA HIS A 158 22.15 7.88 24.08
C HIS A 158 21.53 7.49 22.75
N TRP A 159 20.71 6.48 22.76
CA TRP A 159 20.16 5.89 21.52
C TRP A 159 18.62 5.74 21.57
N ILE A 160 17.95 5.96 20.43
CA ILE A 160 16.51 5.78 20.27
C ILE A 160 16.28 4.72 19.21
N THR A 161 15.53 3.68 19.53
CA THR A 161 15.26 2.64 18.54
C THR A 161 14.46 3.08 17.34
N LEU A 162 13.26 3.57 17.62
CA LEU A 162 12.32 3.92 16.61
C LEU A 162 11.67 5.31 16.95
N ASN A 163 11.41 6.12 15.88
CA ASN A 163 10.73 7.40 15.99
C ASN A 163 9.25 7.29 15.52
N GLU A 164 8.36 7.55 16.42
CA GLU A 164 6.95 7.64 16.07
C GLU A 164 6.40 6.39 15.42
N LEU A 165 6.38 5.32 16.26
CA LEU A 165 5.86 3.98 15.87
C LEU A 165 4.46 4.03 15.27
N TRP A 166 3.59 4.80 15.92
CA TRP A 166 2.19 4.93 15.46
C TRP A 166 2.13 5.50 14.08
N VAL A 167 2.90 6.55 13.82
CA VAL A 167 2.87 7.14 12.54
C VAL A 167 3.35 6.17 11.41
N VAL A 168 4.49 5.54 11.66
CA VAL A 168 5.00 4.48 10.72
C VAL A 168 3.91 3.39 10.40
N ALA A 169 3.20 2.97 11.44
CA ALA A 169 2.19 1.95 11.27
C ALA A 169 0.90 2.46 10.60
N ILE A 170 0.28 3.45 11.22
CA ILE A 170 -1.02 3.90 10.84
C ILE A 170 -0.99 4.84 9.64
N VAL A 171 -0.11 5.82 9.65
CA VAL A 171 -0.10 6.79 8.56
C VAL A 171 0.47 6.11 7.31
N GLY A 172 1.41 5.24 7.55
CA GLY A 172 2.04 4.58 6.42
C GLY A 172 1.32 3.37 5.82
N HIS A 173 0.54 2.65 6.65
CA HIS A 173 -0.10 1.40 6.22
C HIS A 173 -1.63 1.34 6.36
N LEU A 174 -2.22 2.28 7.07
CA LEU A 174 -3.74 2.42 7.11
C LEU A 174 -4.26 3.60 6.25
N TYR A 175 -3.65 4.78 6.44
CA TYR A 175 -4.03 5.95 5.69
C TYR A 175 -3.35 6.12 4.34
N GLY A 176 -2.26 5.42 4.09
CA GLY A 176 -1.51 5.50 2.85
C GLY A 176 -0.90 6.85 2.57
N VAL A 177 -0.79 7.70 3.61
CA VAL A 177 -0.31 9.12 3.42
C VAL A 177 1.23 9.20 3.47
N HIS A 178 1.86 8.27 4.23
CA HIS A 178 3.30 8.13 4.23
C HIS A 178 3.76 6.85 3.59
N ALA A 179 5.03 6.83 3.25
CA ALA A 179 5.68 5.53 2.85
C ALA A 179 5.41 4.37 3.81
N PRO A 180 5.04 3.18 3.30
CA PRO A 180 5.09 2.76 1.85
C PRO A 180 3.77 2.98 1.15
N GLY A 181 2.80 3.67 1.78
CA GLY A 181 1.63 4.15 0.97
C GLY A 181 0.48 3.12 0.83
N MET A 182 0.27 2.34 1.89
CA MET A 182 -0.80 1.31 1.90
C MET A 182 -2.04 1.74 2.70
N LYS A 183 -3.13 1.10 2.37
CA LYS A 183 -4.44 1.22 3.10
C LYS A 183 -5.05 -0.18 3.45
N ASP A 184 -4.54 -0.81 4.53
CA ASP A 184 -5.04 -2.10 4.94
C ASP A 184 -4.89 -2.17 6.44
N ILE A 185 -6.01 -2.22 7.12
CA ILE A 185 -6.05 -2.25 8.58
C ILE A 185 -5.39 -3.46 9.24
N TYR A 186 -5.45 -4.61 8.54
CA TYR A 186 -4.77 -5.77 9.06
C TYR A 186 -3.24 -5.59 8.97
N VAL A 187 -2.77 -5.18 7.83
CA VAL A 187 -1.36 -4.90 7.67
C VAL A 187 -0.94 -3.85 8.74
N ALA A 188 -1.80 -2.82 8.90
CA ALA A 188 -1.47 -1.78 9.85
C ALA A 188 -1.21 -2.27 11.27
N PHE A 189 -2.04 -3.18 11.77
CA PHE A 189 -1.88 -3.59 13.18
C PHE A 189 -0.83 -4.69 13.30
N HIS A 190 -0.57 -5.39 12.19
CA HIS A 190 0.65 -6.26 12.09
C HIS A 190 1.96 -5.45 12.21
N THR A 191 2.03 -4.31 11.53
CA THR A 191 3.21 -3.44 11.63
C THR A 191 3.38 -2.92 13.10
N VAL A 192 2.27 -2.53 13.76
CA VAL A 192 2.32 -2.10 15.16
C VAL A 192 3.10 -3.13 16.02
N HIS A 193 2.72 -4.39 15.93
CA HIS A 193 3.26 -5.44 16.71
C HIS A 193 4.70 -5.71 16.29
N ASN A 194 5.00 -5.69 14.99
CA ASN A 194 6.36 -5.94 14.56
C ASN A 194 7.34 -4.82 14.96
N LEU A 195 6.85 -3.59 15.03
CA LEU A 195 7.70 -2.50 15.48
C LEU A 195 8.12 -2.74 16.96
N LEU A 196 7.14 -3.15 17.79
CA LEU A 196 7.44 -3.52 19.20
C LEU A 196 8.43 -4.63 19.30
N ARG A 197 8.23 -5.67 18.50
CA ARG A 197 9.17 -6.76 18.47
C ARG A 197 10.56 -6.39 18.04
N ALA A 198 10.68 -5.55 17.04
CA ALA A 198 12.00 -5.03 16.54
C ALA A 198 12.64 -4.14 17.61
N HIS A 199 11.88 -3.26 18.24
CA HIS A 199 12.43 -2.48 19.33
C HIS A 199 13.05 -3.36 20.36
N ALA A 200 12.31 -4.40 20.74
CA ALA A 200 12.77 -5.28 21.79
C ALA A 200 14.04 -6.02 21.49
N LYS A 201 14.12 -6.56 20.28
CA LYS A 201 15.34 -7.25 19.83
C LYS A 201 16.52 -6.30 19.79
N SER A 202 16.28 -5.08 19.33
CA SER A 202 17.28 -3.99 19.34
C SER A 202 17.91 -3.76 20.77
N VAL A 203 17.02 -3.57 21.73
CA VAL A 203 17.49 -3.40 23.14
C VAL A 203 18.31 -4.53 23.69
N LYS A 204 17.88 -5.78 23.49
CA LYS A 204 18.69 -6.90 23.87
C LYS A 204 20.10 -6.85 23.27
N VAL A 205 20.19 -6.59 21.96
CA VAL A 205 21.48 -6.49 21.31
C VAL A 205 22.27 -5.31 21.95
N PHE A 206 21.56 -4.22 22.25
CA PHE A 206 22.21 -3.06 22.94
C PHE A 206 22.87 -3.45 24.30
N ARG A 207 22.18 -4.30 25.07
CA ARG A 207 22.75 -4.64 26.40
C ARG A 207 23.99 -5.45 26.30
N GLU A 208 24.17 -6.12 25.19
CA GLU A 208 25.37 -6.90 24.98
C GLU A 208 26.53 -6.07 24.47
N THR A 209 26.26 -5.04 23.65
CA THR A 209 27.25 -4.31 22.92
C THR A 209 27.64 -2.90 23.48
N VAL A 210 26.76 -2.20 24.22
CA VAL A 210 27.02 -0.86 24.75
C VAL A 210 26.53 -0.89 26.21
N LYS A 211 27.40 -1.38 27.08
CA LYS A 211 27.04 -1.78 28.44
C LYS A 211 26.91 -0.53 29.35
N ASP A 212 27.55 0.60 28.95
CA ASP A 212 27.54 1.89 29.71
C ASP A 212 26.60 2.92 28.97
N GLY A 213 25.65 2.41 28.18
CA GLY A 213 24.89 3.29 27.27
C GLY A 213 23.46 3.29 27.76
N LYS A 214 22.68 4.27 27.29
CA LYS A 214 21.22 4.34 27.49
C LYS A 214 20.42 4.29 26.22
N ILE A 215 19.41 3.46 26.25
CA ILE A 215 18.53 3.27 25.06
C ILE A 215 17.08 3.53 25.41
N GLY A 216 16.38 4.17 24.50
CA GLY A 216 14.97 4.51 24.64
C GLY A 216 14.17 4.38 23.31
N ILE A 217 13.05 5.09 23.22
CA ILE A 217 12.10 4.93 22.12
C ILE A 217 11.28 6.23 22.12
N VAL A 218 10.76 6.67 20.95
CA VAL A 218 10.08 7.94 20.83
C VAL A 218 8.65 7.78 20.28
N PHE A 219 7.68 8.41 20.96
CA PHE A 219 6.26 8.40 20.56
C PHE A 219 5.77 9.79 20.21
N ASN A 220 4.98 9.83 19.12
CA ASN A 220 4.18 11.00 18.83
C ASN A 220 3.04 10.99 19.84
N ASN A 221 2.55 12.16 20.18
CA ASN A 221 1.37 12.31 21.07
C ASN A 221 0.55 13.55 20.73
N GLY A 222 -0.75 13.40 20.89
CA GLY A 222 -1.67 14.50 20.80
C GLY A 222 -2.51 14.61 22.09
N TYR A 223 -2.96 15.81 22.40
CA TYR A 223 -3.81 16.03 23.61
C TYR A 223 -5.24 15.98 23.20
N PHE A 224 -5.90 14.88 23.54
CA PHE A 224 -7.29 14.67 23.13
C PHE A 224 -8.22 15.05 24.27
N GLU A 225 -9.19 15.90 24.04
CA GLU A 225 -10.20 16.30 25.06
C GLU A 225 -11.58 15.97 24.54
N PRO A 226 -12.48 15.57 25.40
CA PRO A 226 -13.77 15.14 24.99
C PRO A 226 -14.67 16.40 24.68
N ALA A 227 -15.58 16.23 23.74
CA ALA A 227 -16.53 17.29 23.35
C ALA A 227 -17.49 17.59 24.41
N SER A 228 -17.77 16.74 25.38
CA SER A 228 -18.75 17.03 26.50
C SER A 228 -18.36 16.10 27.61
N GLU A 229 -19.02 16.22 28.72
CA GLU A 229 -18.82 15.34 29.86
C GLU A 229 -19.61 14.00 29.74
N ARG A 230 -20.30 13.75 28.60
CA ARG A 230 -21.08 12.57 28.45
C ARG A 230 -20.18 11.38 28.35
N GLU A 231 -20.61 10.32 29.00
CA GLU A 231 -19.75 9.10 29.09
C GLU A 231 -19.16 8.73 27.71
N GLU A 232 -19.98 8.76 26.65
CA GLU A 232 -19.49 8.26 25.34
C GLU A 232 -18.36 9.20 24.76
N ASP A 233 -18.46 10.50 25.03
CA ASP A 233 -17.38 11.41 24.57
C ASP A 233 -16.08 11.22 25.35
N ILE A 234 -16.25 11.12 26.67
CA ILE A 234 -15.05 10.80 27.53
C ILE A 234 -14.34 9.56 27.03
N ARG A 235 -15.11 8.50 26.74
CA ARG A 235 -14.56 7.26 26.21
C ARG A 235 -13.89 7.42 24.87
N ALA A 236 -14.47 8.25 24.02
CA ALA A 236 -13.84 8.54 22.73
C ALA A 236 -12.51 9.21 22.83
N ALA A 237 -12.41 10.16 23.75
CA ALA A 237 -11.12 10.81 24.03
C ALA A 237 -10.08 9.82 24.62
N ARG A 238 -10.50 8.97 25.55
CA ARG A 238 -9.61 7.95 26.12
C ARG A 238 -9.16 6.94 25.01
N PHE A 239 -10.09 6.56 24.14
CA PHE A 239 -9.76 5.72 23.05
C PHE A 239 -8.65 6.40 22.20
N MET A 240 -8.82 7.68 21.86
CA MET A 240 -7.78 8.33 21.03
C MET A 240 -6.43 8.42 21.72
N HIS A 241 -6.44 8.68 23.05
CA HIS A 241 -5.24 8.68 23.88
C HIS A 241 -4.55 7.35 23.91
N GLN A 242 -5.33 6.29 24.08
CA GLN A 242 -4.78 4.91 24.11
C GLN A 242 -4.21 4.46 22.74
N PHE A 243 -4.83 4.89 21.66
CA PHE A 243 -4.46 4.49 20.29
C PHE A 243 -3.31 5.35 19.74
N ASN A 244 -3.45 6.67 19.80
CA ASN A 244 -2.57 7.58 19.18
C ASN A 244 -1.33 7.93 19.96
N ASN A 245 -1.33 7.76 21.30
CA ASN A 245 -0.29 8.23 22.10
C ASN A 245 0.56 7.05 22.61
N TYR A 246 1.42 7.40 23.54
CA TYR A 246 2.32 6.41 24.19
C TYR A 246 1.65 5.12 24.75
N PRO A 247 0.38 5.12 25.24
CA PRO A 247 -0.11 3.78 25.73
C PRO A 247 -0.16 2.68 24.71
N LEU A 248 -0.30 2.97 23.41
CA LEU A 248 -0.33 1.84 22.47
C LEU A 248 0.89 0.90 22.60
N PHE A 249 2.05 1.53 22.88
CA PHE A 249 3.35 0.80 22.98
C PHE A 249 3.89 0.56 24.41
N LEU A 250 3.60 1.50 25.31
CA LEU A 250 3.98 1.32 26.71
C LEU A 250 3.12 0.36 27.53
N ASN A 251 1.90 0.13 27.09
CA ASN A 251 1.01 -0.85 27.83
C ASN A 251 1.61 -2.22 27.58
N PRO A 252 1.95 -2.59 26.34
CA PRO A 252 2.69 -3.86 26.15
C PRO A 252 4.03 -3.89 26.91
N ILE A 253 4.85 -2.84 26.84
CA ILE A 253 6.21 -2.84 27.47
C ILE A 253 6.12 -2.95 28.96
N TYR A 254 5.24 -2.17 29.59
CA TYR A 254 5.10 -2.14 31.09
C TYR A 254 4.14 -3.17 31.66
N ARG A 255 2.96 -3.39 31.02
CA ARG A 255 1.88 -4.19 31.58
C ARG A 255 1.66 -5.49 30.85
N GLY A 256 2.35 -5.76 29.75
CA GLY A 256 2.18 -7.02 29.01
C GLY A 256 0.90 -7.13 28.22
N GLU A 257 0.22 -6.04 27.91
CA GLU A 257 -0.97 -6.14 27.04
C GLU A 257 -1.24 -4.84 26.29
N TYR A 258 -1.89 -4.89 25.15
CA TYR A 258 -2.33 -3.69 24.49
C TYR A 258 -3.43 -2.98 25.31
N PRO A 259 -3.56 -1.67 25.17
CA PRO A 259 -4.54 -0.94 26.02
C PRO A 259 -5.91 -1.46 25.72
N ASP A 260 -6.72 -1.34 26.73
CA ASP A 260 -8.04 -2.02 26.67
C ASP A 260 -9.04 -1.58 25.59
N LEU A 261 -9.19 -0.28 25.40
CA LEU A 261 -10.07 0.19 24.33
C LEU A 261 -9.55 -0.11 22.97
N VAL A 262 -8.25 -0.10 22.82
CA VAL A 262 -7.59 -0.43 21.52
C VAL A 262 -7.90 -1.89 21.20
N LEU A 263 -7.69 -2.79 22.17
CA LEU A 263 -8.01 -4.23 22.00
C LEU A 263 -9.45 -4.50 21.61
N GLU A 264 -10.41 -3.81 22.24
CA GLU A 264 -11.79 -3.93 21.86
C GLU A 264 -12.06 -3.64 20.42
N PHE A 265 -11.40 -2.62 19.91
CA PHE A 265 -11.44 -2.25 18.56
C PHE A 265 -10.63 -3.16 17.63
N ALA A 266 -9.42 -3.50 18.00
CA ALA A 266 -8.44 -3.96 17.02
C ALA A 266 -7.96 -5.38 17.24
N ARG A 267 -8.50 -6.09 18.24
CA ARG A 267 -8.06 -7.47 18.47
C ARG A 267 -7.96 -8.28 17.15
N GLU A 268 -9.01 -8.19 16.37
CA GLU A 268 -9.18 -8.87 15.08
C GLU A 268 -8.02 -8.59 14.12
N TYR A 269 -7.40 -7.40 14.15
CA TYR A 269 -6.38 -7.02 13.20
C TYR A 269 -4.94 -7.39 13.55
N LEU A 270 -4.69 -7.57 14.84
CA LEU A 270 -3.40 -7.99 15.39
C LEU A 270 -3.05 -9.35 14.94
N PRO A 271 -1.71 -9.71 14.91
CA PRO A 271 -1.37 -11.12 14.67
C PRO A 271 -2.10 -12.13 15.54
N ARG A 272 -2.50 -13.26 14.99
CA ARG A 272 -3.03 -14.40 15.78
C ARG A 272 -1.91 -14.80 16.76
N ASN A 273 -2.21 -15.04 18.00
CA ASN A 273 -1.11 -15.39 18.93
C ASN A 273 0.04 -14.39 19.17
N TYR A 274 -0.31 -13.11 19.01
CA TYR A 274 0.58 -12.02 19.42
C TYR A 274 0.99 -12.14 20.91
N GLU A 275 0.15 -12.70 21.80
CA GLU A 275 0.47 -12.84 23.25
C GLU A 275 1.76 -13.63 23.47
N ASP A 276 2.09 -14.54 22.57
CA ASP A 276 3.33 -15.32 22.61
C ASP A 276 4.57 -14.46 22.57
N ASP A 277 4.48 -13.29 21.96
CA ASP A 277 5.64 -12.36 21.88
C ASP A 277 5.75 -11.45 23.06
N MET A 278 4.74 -11.34 23.98
CA MET A 278 4.80 -10.24 25.02
C MET A 278 6.00 -10.30 25.91
N GLU A 279 6.30 -11.48 26.42
CA GLU A 279 7.44 -11.66 27.30
C GLU A 279 8.70 -11.03 26.68
N GLU A 280 9.03 -11.34 25.46
CA GLU A 280 10.15 -10.65 24.83
C GLU A 280 10.03 -9.10 24.68
N ILE A 281 8.84 -8.63 24.34
CA ILE A 281 8.62 -7.20 24.12
C ILE A 281 8.94 -6.44 25.40
N LYS A 282 8.77 -7.09 26.58
CA LYS A 282 8.91 -6.37 27.85
C LYS A 282 10.40 -6.08 28.30
N GLN A 283 11.28 -5.59 27.43
CA GLN A 283 12.72 -5.48 27.79
C GLN A 283 12.77 -4.16 28.57
N GLU A 284 13.54 -4.10 29.67
CA GLU A 284 13.75 -2.75 30.32
C GLU A 284 14.41 -1.74 29.40
N ILE A 285 13.90 -0.52 29.44
CA ILE A 285 14.51 0.60 28.67
C ILE A 285 14.99 1.71 29.63
N ASP A 286 15.80 2.61 29.17
CA ASP A 286 16.33 3.71 30.06
C ASP A 286 15.56 5.01 30.14
N PHE A 287 14.91 5.36 29.04
CA PHE A 287 14.11 6.52 28.98
C PHE A 287 13.02 6.44 27.95
N VAL A 288 12.03 7.31 28.16
CA VAL A 288 10.91 7.52 27.20
C VAL A 288 11.00 8.91 26.55
N GLY A 289 10.96 8.95 25.22
CA GLY A 289 10.91 10.21 24.50
C GLY A 289 9.54 10.46 23.96
N LEU A 290 9.05 11.65 24.21
CA LEU A 290 7.71 12.04 23.82
C LEU A 290 7.83 13.20 22.87
N ASN A 291 7.20 13.11 21.70
CA ASN A 291 7.03 14.28 20.89
C ASN A 291 5.60 14.88 21.17
N TYR A 292 5.44 16.17 20.94
CA TYR A 292 4.10 16.83 21.06
C TYR A 292 3.98 18.11 20.24
N TYR A 293 2.87 18.27 19.51
CA TYR A 293 2.67 19.44 18.73
C TYR A 293 1.31 20.11 18.93
N SER A 294 0.25 19.33 19.10
CA SER A 294 -1.09 19.87 19.10
C SER A 294 -2.15 19.10 19.85
N GLY A 295 -3.33 19.68 19.93
CA GLY A 295 -4.46 19.01 20.56
C GLY A 295 -5.67 18.88 19.65
N HIS A 296 -6.58 18.03 20.02
CA HIS A 296 -7.78 17.78 19.22
C HIS A 296 -8.93 17.59 20.21
N MET A 297 -10.11 18.12 19.89
CA MET A 297 -11.33 17.71 20.52
C MET A 297 -11.99 16.57 19.80
N VAL A 298 -12.51 15.59 20.51
CA VAL A 298 -13.08 14.39 19.88
C VAL A 298 -14.49 14.10 20.48
N LYS A 299 -15.37 13.50 19.69
CA LYS A 299 -16.67 13.02 20.17
C LYS A 299 -16.91 11.58 19.68
N TYR A 300 -17.85 10.95 20.38
CA TYR A 300 -18.47 9.66 19.95
C TYR A 300 -19.25 9.95 18.69
N ASP A 301 -19.08 9.10 17.69
CA ASP A 301 -19.87 9.22 16.42
C ASP A 301 -20.12 7.80 15.92
N PRO A 302 -21.37 7.35 16.03
CA PRO A 302 -21.58 5.96 15.68
C PRO A 302 -21.34 5.58 14.15
N ASN A 303 -21.29 6.56 13.25
CA ASN A 303 -20.87 6.33 11.85
C ASN A 303 -19.41 6.69 11.48
N SER A 304 -18.44 6.62 12.36
CA SER A 304 -17.09 6.90 11.96
C SER A 304 -16.27 5.66 12.22
N PRO A 305 -15.07 5.54 11.55
CA PRO A 305 -14.14 4.44 11.99
C PRO A 305 -13.86 4.56 13.52
N ALA A 306 -14.09 3.46 14.22
CA ALA A 306 -13.79 3.34 15.65
C ALA A 306 -14.67 4.21 16.51
N ARG A 307 -15.78 4.68 15.93
CA ARG A 307 -16.79 5.47 16.56
C ARG A 307 -16.33 6.74 17.19
N VAL A 308 -15.33 7.34 16.57
CA VAL A 308 -14.80 8.57 17.01
C VAL A 308 -14.72 9.57 15.86
N SER A 309 -15.08 10.84 16.09
CA SER A 309 -14.72 11.87 15.12
C SER A 309 -14.13 13.11 15.74
N PHE A 310 -13.35 13.83 14.98
CA PHE A 310 -12.70 15.08 15.49
C PHE A 310 -13.66 16.23 15.36
N VAL A 311 -13.67 17.18 16.28
CA VAL A 311 -14.51 18.33 16.17
C VAL A 311 -13.55 19.53 16.08
N GLU A 312 -13.60 20.25 14.98
CA GLU A 312 -12.70 21.41 14.82
C GLU A 312 -13.02 22.55 15.78
N ARG A 313 -12.02 23.22 16.35
CA ARG A 313 -12.31 24.29 17.28
C ARG A 313 -11.73 25.63 16.68
N ASN A 314 -12.25 26.75 17.18
CA ASN A 314 -11.79 28.09 16.82
C ASN A 314 -10.62 28.51 17.78
N LEU A 315 -9.48 27.83 17.63
CA LEU A 315 -8.32 28.06 18.43
C LEU A 315 -7.24 28.51 17.42
N PRO A 316 -6.25 29.30 17.85
CA PRO A 316 -5.07 29.53 16.99
C PRO A 316 -4.48 28.25 16.40
N LYS A 317 -4.09 28.29 15.12
CA LYS A 317 -3.49 27.19 14.46
C LYS A 317 -2.14 27.52 13.84
N THR A 318 -1.33 26.50 13.62
CA THR A 318 -0.11 26.69 12.81
C THR A 318 -0.37 26.65 11.34
N ALA A 319 0.67 26.78 10.52
CA ALA A 319 0.50 26.63 9.08
C ALA A 319 0.09 25.23 8.70
N MET A 320 0.22 24.26 9.57
CA MET A 320 -0.22 22.87 9.27
C MET A 320 -1.75 22.78 9.50
N GLY A 321 -2.40 23.81 10.03
CA GLY A 321 -3.78 23.76 10.47
C GLY A 321 -3.91 23.06 11.87
N TRP A 322 -2.79 22.90 12.61
CA TRP A 322 -2.79 22.19 13.86
C TRP A 322 -3.12 23.19 15.00
N GLU A 323 -4.02 22.79 15.91
CA GLU A 323 -4.47 23.66 16.97
C GLU A 323 -3.41 23.78 18.03
N ILE A 324 -3.16 25.02 18.45
CA ILE A 324 -2.10 25.28 19.42
C ILE A 324 -2.70 25.15 20.81
N VAL A 325 -2.32 24.17 21.62
CA VAL A 325 -2.92 23.89 22.99
C VAL A 325 -1.72 23.57 23.89
N PRO A 326 -1.05 24.62 24.39
CA PRO A 326 0.21 24.32 25.12
C PRO A 326 0.02 23.41 26.35
N GLU A 327 -1.11 23.54 27.07
CA GLU A 327 -1.37 22.73 28.27
C GLU A 327 -1.34 21.23 27.93
N GLY A 328 -1.53 20.87 26.64
CA GLY A 328 -1.40 19.49 26.22
C GLY A 328 -0.09 18.85 26.57
N ILE A 329 0.97 19.62 26.50
CA ILE A 329 2.36 19.05 26.77
C ILE A 329 2.51 18.76 28.24
N TYR A 330 1.81 19.52 29.06
CA TYR A 330 1.82 19.27 30.50
C TYR A 330 1.00 17.99 30.81
N TRP A 331 -0.20 17.87 30.22
CA TRP A 331 -1.00 16.66 30.55
C TRP A 331 -0.44 15.36 29.99
N ILE A 332 0.17 15.43 28.82
CA ILE A 332 0.91 14.33 28.30
C ILE A 332 2.07 13.88 29.16
N LEU A 333 2.94 14.82 29.60
CA LEU A 333 3.94 14.52 30.52
C LEU A 333 3.43 13.98 31.88
N LYS A 334 2.45 14.63 32.42
CA LYS A 334 1.87 14.21 33.71
C LYS A 334 1.22 12.82 33.52
N GLY A 335 0.66 12.55 32.30
CA GLY A 335 -0.02 11.29 32.05
C GLY A 335 1.01 10.13 32.03
N VAL A 336 2.19 10.34 31.41
CA VAL A 336 3.13 9.21 31.24
C VAL A 336 3.67 8.91 32.64
N LYS A 337 3.93 9.94 33.43
CA LYS A 337 4.39 9.70 34.82
C LYS A 337 3.39 8.87 35.64
N GLU A 338 2.12 9.28 35.63
CA GLU A 338 1.04 8.58 36.36
C GLU A 338 0.82 7.10 35.84
N GLU A 339 0.68 6.92 34.55
CA GLU A 339 0.31 5.63 34.02
C GLU A 339 1.42 4.57 33.90
N TYR A 340 2.63 5.03 33.68
CA TYR A 340 3.78 4.14 33.55
C TYR A 340 4.97 4.44 34.39
N ASN A 341 5.04 5.61 34.97
CA ASN A 341 6.15 6.08 35.84
C ASN A 341 7.56 5.79 35.35
N PRO A 342 7.90 6.16 34.10
CA PRO A 342 9.34 5.97 33.63
C PRO A 342 10.33 6.75 34.45
N GLN A 343 11.48 6.21 34.65
CA GLN A 343 12.48 6.80 35.49
C GLN A 343 13.07 8.05 34.85
N GLU A 344 12.96 8.18 33.53
CA GLU A 344 13.52 9.25 32.81
C GLU A 344 12.68 9.52 31.55
N VAL A 345 12.43 10.78 31.29
CA VAL A 345 11.56 11.25 30.15
C VAL A 345 12.26 12.44 29.39
N TYR A 346 12.20 12.46 28.02
CA TYR A 346 12.58 13.58 27.25
C TYR A 346 11.44 14.06 26.38
N ILE A 347 11.28 15.38 26.15
CA ILE A 347 10.51 15.80 25.03
C ILE A 347 11.51 15.76 23.90
N THR A 348 11.31 14.88 22.96
CA THR A 348 12.26 14.67 21.85
C THR A 348 11.87 15.40 20.62
N GLY A 349 10.80 16.19 20.67
CA GLY A 349 10.42 17.08 19.54
C GLY A 349 9.20 17.90 19.95
N ASN A 350 9.27 19.20 19.73
CA ASN A 350 8.15 20.17 19.98
C ASN A 350 8.54 21.37 19.16
N GLY A 351 7.59 21.91 18.41
CA GLY A 351 7.83 23.10 17.58
C GLY A 351 6.62 23.40 16.73
N ALA A 352 6.82 24.26 15.75
CA ALA A 352 5.74 24.66 14.87
C ALA A 352 6.13 25.09 13.51
N ALA A 353 5.18 24.93 12.60
CA ALA A 353 5.29 25.50 11.27
C ALA A 353 4.57 26.82 11.10
N PHE A 354 5.26 27.83 10.59
CA PHE A 354 4.67 29.08 10.22
C PHE A 354 5.31 29.55 8.91
N ASP A 355 4.65 30.45 8.23
CA ASP A 355 5.15 30.83 6.86
C ASP A 355 6.17 31.92 6.93
N ASP A 356 7.39 31.55 7.07
CA ASP A 356 8.33 32.52 7.41
C ASP A 356 8.65 33.32 6.16
N VAL A 357 9.03 34.54 6.42
CA VAL A 357 9.59 35.42 5.42
C VAL A 357 10.90 36.04 5.85
N VAL A 358 11.74 36.31 4.88
CA VAL A 358 13.06 36.92 5.10
C VAL A 358 12.90 38.40 4.94
N SER A 359 13.14 39.16 5.98
CA SER A 359 13.08 40.64 5.97
C SER A 359 14.24 41.35 5.40
N GLU A 360 13.95 42.58 4.97
CA GLU A 360 14.81 43.71 5.09
C GLU A 360 16.28 43.31 5.05
N GLY A 361 16.98 43.23 6.21
CA GLY A 361 18.44 42.96 6.21
C GLY A 361 18.76 41.52 6.48
N GLY A 362 18.02 40.59 5.86
CA GLY A 362 18.32 39.15 5.99
C GLY A 362 17.93 38.51 7.33
N LYS A 363 16.93 39.07 8.02
CA LYS A 363 16.44 38.56 9.30
C LYS A 363 15.09 37.78 9.14
N VAL A 364 14.84 36.81 10.00
CA VAL A 364 13.53 36.13 10.02
C VAL A 364 12.89 36.42 11.36
N HIS A 365 11.89 37.29 11.35
CA HIS A 365 11.23 37.78 12.52
C HIS A 365 10.02 36.87 12.80
N ASP A 366 10.28 35.70 13.29
CA ASP A 366 9.23 34.66 13.59
C ASP A 366 8.67 34.72 15.05
N GLN A 367 8.04 35.87 15.37
CA GLN A 367 7.43 36.08 16.64
C GLN A 367 6.39 34.97 16.97
N ASN A 368 5.58 34.57 15.97
CA ASN A 368 4.65 33.42 16.06
C ASN A 368 5.33 32.10 16.61
N ARG A 369 6.54 31.77 16.09
CA ARG A 369 7.25 30.61 16.56
C ARG A 369 7.79 30.76 17.97
N ILE A 370 8.29 31.96 18.29
CA ILE A 370 8.72 32.20 19.66
C ILE A 370 7.58 32.06 20.70
N ASP A 371 6.43 32.61 20.33
CA ASP A 371 5.31 32.61 21.26
C ASP A 371 4.86 31.13 21.48
N TYR A 372 4.88 30.33 20.43
CA TYR A 372 4.50 28.92 20.51
C TYR A 372 5.55 28.20 21.47
N LEU A 373 6.84 28.44 21.20
CA LEU A 373 7.88 27.69 21.98
C LEU A 373 7.81 28.13 23.46
N ARG A 374 7.65 29.43 23.73
CA ARG A 374 7.54 29.92 25.09
C ARG A 374 6.41 29.26 25.86
N ALA A 375 5.24 29.25 25.27
CA ALA A 375 4.05 28.71 25.94
C ALA A 375 4.24 27.22 26.24
N HIS A 376 4.94 26.45 25.39
CA HIS A 376 5.07 25.04 25.59
C HIS A 376 6.17 24.80 26.60
N ILE A 377 7.26 25.60 26.51
CA ILE A 377 8.37 25.45 27.52
C ILE A 377 7.89 25.78 28.93
N GLU A 378 6.99 26.75 29.06
CA GLU A 378 6.44 27.04 30.32
C GLU A 378 5.60 25.85 30.87
N GLN A 379 4.82 25.13 30.05
CA GLN A 379 4.08 23.95 30.48
C GLN A 379 4.99 22.77 30.89
N VAL A 380 6.13 22.68 30.22
CA VAL A 380 7.09 21.65 30.50
C VAL A 380 7.73 21.90 31.87
N TRP A 381 8.05 23.16 32.12
CA TRP A 381 8.52 23.53 33.42
C TRP A 381 7.54 23.18 34.54
N ARG A 382 6.26 23.49 34.33
CA ARG A 382 5.19 23.12 35.27
C ARG A 382 5.12 21.62 35.47
N ALA A 383 5.28 20.86 34.41
CA ALA A 383 5.36 19.37 34.58
C ALA A 383 6.53 18.90 35.48
N ILE A 384 7.69 19.58 35.39
CA ILE A 384 8.85 19.22 36.19
C ILE A 384 8.50 19.62 37.65
N GLN A 385 7.87 20.74 37.86
CA GLN A 385 7.51 21.14 39.24
C GLN A 385 6.58 20.13 39.88
N ASP A 386 5.76 19.46 39.08
CA ASP A 386 4.82 18.46 39.61
C ASP A 386 5.31 17.02 39.60
N GLY A 387 6.65 16.82 39.63
CA GLY A 387 7.29 15.53 39.75
C GLY A 387 7.69 14.78 38.47
N VAL A 388 7.45 15.30 37.28
CA VAL A 388 7.82 14.52 36.08
C VAL A 388 9.37 14.51 35.94
N PRO A 389 10.05 13.30 35.85
CA PRO A 389 11.56 13.32 35.81
C PRO A 389 12.05 13.67 34.34
N LEU A 390 11.84 14.91 33.89
CA LEU A 390 12.14 15.28 32.54
C LEU A 390 13.64 15.67 32.53
N LYS A 391 14.45 15.06 31.69
CA LYS A 391 15.88 15.28 31.61
C LYS A 391 16.27 16.21 30.54
N GLY A 392 15.40 16.47 29.57
CA GLY A 392 15.75 17.32 28.44
C GLY A 392 14.54 17.65 27.51
N TYR A 393 14.72 18.65 26.66
CA TYR A 393 13.72 19.11 25.66
C TYR A 393 14.44 19.42 24.38
N PHE A 394 13.94 18.88 23.28
CA PHE A 394 14.47 19.14 21.97
C PHE A 394 13.47 19.85 21.03
N VAL A 395 13.89 20.95 20.41
CA VAL A 395 13.10 21.66 19.41
C VAL A 395 13.15 20.89 18.11
N TRP A 396 11.97 20.62 17.55
CA TRP A 396 11.78 20.22 16.16
C TRP A 396 11.52 21.53 15.40
N SER A 397 12.41 21.98 14.50
CA SER A 397 13.63 21.32 14.08
C SER A 397 14.74 22.37 14.18
N LEU A 398 16.01 21.89 14.14
CA LEU A 398 17.13 22.78 13.85
C LEU A 398 16.90 23.57 12.50
N LEU A 399 16.55 22.82 11.45
CA LEU A 399 16.48 23.33 10.14
C LEU A 399 15.10 23.17 9.56
N ASP A 400 14.71 24.17 8.78
CA ASP A 400 13.59 23.99 7.82
C ASP A 400 13.96 22.79 6.92
N ASN A 401 12.97 21.96 6.56
CA ASN A 401 13.30 20.67 5.92
C ASN A 401 12.09 20.06 5.21
N PHE A 402 12.31 18.87 4.64
CA PHE A 402 11.27 18.17 3.86
C PHE A 402 10.23 17.63 4.86
N GLU A 403 9.07 18.25 4.93
CA GLU A 403 7.98 17.87 5.83
C GLU A 403 7.06 16.78 5.22
N TRP A 404 7.70 15.65 4.98
CA TRP A 404 7.06 14.42 4.51
C TRP A 404 6.01 14.73 3.40
N ALA A 405 4.73 14.38 3.58
CA ALA A 405 3.78 14.49 2.40
C ALA A 405 3.49 16.01 2.04
N GLU A 406 3.88 16.92 2.94
CA GLU A 406 3.83 18.39 2.70
C GLU A 406 4.97 18.94 1.88
N GLY A 407 6.00 18.18 1.70
CA GLY A 407 7.24 18.70 1.07
C GLY A 407 7.89 19.85 1.78
N TYR A 408 8.52 20.72 1.02
CA TYR A 408 9.26 21.88 1.58
C TYR A 408 8.27 23.03 1.94
N SER A 409 6.98 22.88 1.68
CA SER A 409 6.05 24.00 1.92
C SER A 409 5.87 24.28 3.42
N LYS A 410 6.31 23.40 4.30
CA LYS A 410 6.09 23.66 5.77
C LYS A 410 7.42 23.79 6.49
N ARG A 411 7.66 24.96 7.09
CA ARG A 411 8.94 25.30 7.71
C ARG A 411 8.89 25.18 9.23
N PHE A 412 9.61 24.22 9.79
CA PHE A 412 9.67 24.03 11.25
C PHE A 412 10.95 24.54 11.90
N GLY A 413 11.89 24.95 11.10
CA GLY A 413 13.19 25.35 11.65
C GLY A 413 13.20 26.50 12.67
N ILE A 414 14.22 26.46 13.56
CA ILE A 414 14.73 27.70 14.17
C ILE A 414 15.87 28.33 13.36
N VAL A 415 16.19 27.71 12.23
CA VAL A 415 17.12 28.20 11.25
C VAL A 415 16.42 28.04 9.89
N TYR A 416 16.33 29.14 9.14
CA TYR A 416 15.68 29.18 7.83
C TYR A 416 16.67 28.67 6.84
N VAL A 417 16.18 27.90 5.87
CA VAL A 417 16.94 27.54 4.69
C VAL A 417 16.32 28.06 3.46
N ASP A 418 17.12 28.85 2.74
CA ASP A 418 16.83 29.22 1.35
C ASP A 418 17.18 28.05 0.43
N TYR A 419 16.18 27.43 -0.14
CA TYR A 419 16.44 26.31 -1.00
C TYR A 419 17.05 26.67 -2.36
N ASN A 420 17.00 27.91 -2.82
CA ASN A 420 17.68 28.28 -4.08
C ASN A 420 19.18 28.35 -3.91
N THR A 421 19.71 28.64 -2.71
CA THR A 421 21.15 28.89 -2.49
C THR A 421 21.77 28.01 -1.37
N GLN A 422 20.96 27.28 -0.62
CA GLN A 422 21.34 26.58 0.61
C GLN A 422 21.86 27.48 1.76
N LYS A 423 21.71 28.78 1.63
CA LYS A 423 22.03 29.65 2.72
C LYS A 423 21.21 29.31 3.98
N ARG A 424 21.84 29.37 5.14
CA ARG A 424 21.14 29.26 6.44
C ARG A 424 21.05 30.64 7.06
N ILE A 425 19.91 31.01 7.62
CA ILE A 425 19.71 32.27 8.35
C ILE A 425 19.14 31.84 9.72
N ILE A 426 19.85 32.15 10.79
CA ILE A 426 19.32 31.82 12.13
C ILE A 426 18.06 32.71 12.31
N LYS A 427 16.98 32.14 12.77
CA LYS A 427 15.75 32.93 13.00
C LYS A 427 15.73 33.60 14.34
N ASP A 428 14.83 34.59 14.52
CA ASP A 428 14.72 35.26 15.80
C ASP A 428 14.44 34.19 16.87
N SER A 429 13.64 33.18 16.52
CA SER A 429 13.42 32.01 17.41
C SER A 429 14.71 31.27 17.86
N GLY A 430 15.65 31.09 16.97
CA GLY A 430 16.95 30.54 17.31
C GLY A 430 17.78 31.35 18.31
N TYR A 431 17.90 32.65 18.05
CA TYR A 431 18.51 33.52 19.05
C TYR A 431 17.68 33.53 20.35
N TRP A 432 16.36 33.52 20.27
CA TRP A 432 15.58 33.42 21.50
C TRP A 432 15.82 32.10 22.26
N TYR A 433 15.89 31.00 21.55
CA TYR A 433 16.22 29.70 22.14
C TYR A 433 17.54 29.73 22.76
N SER A 434 18.51 30.32 22.03
CA SER A 434 19.88 30.40 22.58
C SER A 434 19.92 31.04 23.99
N ASN A 435 19.07 32.02 24.18
CA ASN A 435 18.96 32.74 25.40
C ASN A 435 18.29 31.98 26.51
N VAL A 436 17.28 31.16 26.17
CA VAL A 436 16.70 30.21 27.11
C VAL A 436 17.78 29.25 27.67
N ILE A 437 18.62 28.76 26.81
CA ILE A 437 19.71 27.85 27.21
C ILE A 437 20.70 28.58 28.12
N LYS A 438 20.98 29.82 27.83
CA LYS A 438 21.94 30.62 28.61
C LYS A 438 21.37 30.81 30.02
N ASN A 439 20.08 31.02 30.17
CA ASN A 439 19.48 31.18 31.49
C ASN A 439 18.95 29.94 32.15
N ASN A 440 19.04 28.87 31.40
CA ASN A 440 18.49 27.56 31.78
C ASN A 440 17.04 27.69 32.13
N GLY A 441 16.30 28.37 31.25
CA GLY A 441 14.89 28.57 31.47
C GLY A 441 14.37 29.91 31.00
N LEU A 442 13.20 30.30 31.53
CA LEU A 442 12.46 31.42 30.99
C LEU A 442 12.59 32.64 31.93
N THR A 443 13.28 33.68 31.47
CA THR A 443 13.21 35.16 31.82
C THR A 443 14.38 35.98 31.61
N MET B 1 -27.68 -15.35 -41.52
CA MET B 1 -27.26 -15.07 -40.15
C MET B 1 -25.70 -14.98 -40.06
N LYS B 2 -25.16 -14.39 -38.99
CA LYS B 2 -23.69 -14.46 -38.71
C LYS B 2 -23.43 -15.75 -37.93
N LYS B 3 -23.08 -16.79 -38.64
CA LYS B 3 -22.72 -18.07 -38.07
C LYS B 3 -21.25 -18.19 -37.66
N PHE B 4 -20.98 -18.70 -36.44
CA PHE B 4 -19.55 -18.90 -35.94
C PHE B 4 -18.94 -20.22 -36.44
N PRO B 5 -17.64 -20.45 -36.31
CA PRO B 5 -17.10 -21.69 -36.78
C PRO B 5 -17.63 -22.87 -35.98
N GLU B 6 -17.41 -24.02 -36.55
CA GLU B 6 -17.82 -25.28 -35.99
C GLU B 6 -17.11 -25.54 -34.70
N GLY B 7 -17.77 -25.86 -33.62
CA GLY B 7 -17.10 -26.12 -32.30
C GLY B 7 -16.71 -24.87 -31.50
N PHE B 8 -17.05 -23.70 -32.04
CA PHE B 8 -16.75 -22.45 -31.33
C PHE B 8 -17.26 -22.53 -29.90
N LEU B 9 -16.42 -22.20 -28.92
CA LEU B 9 -16.92 -22.27 -27.50
C LEU B 9 -17.61 -21.02 -26.92
N TRP B 10 -18.89 -21.17 -26.62
CA TRP B 10 -19.66 -20.11 -25.99
C TRP B 10 -19.64 -20.33 -24.50
N GLY B 11 -19.11 -19.37 -23.76
CA GLY B 11 -18.99 -19.50 -22.27
C GLY B 11 -19.61 -18.39 -21.43
N VAL B 12 -19.47 -18.58 -20.11
CA VAL B 12 -19.81 -17.59 -19.06
C VAL B 12 -18.70 -17.62 -18.00
N ALA B 13 -18.49 -16.51 -17.33
CA ALA B 13 -17.31 -16.34 -16.49
C ALA B 13 -17.65 -15.72 -15.13
N THR B 14 -16.97 -16.15 -14.12
CA THR B 14 -17.03 -15.64 -12.74
C THR B 14 -15.63 -15.62 -12.06
N ALA B 15 -15.52 -15.09 -10.83
CA ALA B 15 -14.34 -15.30 -10.00
C ALA B 15 -14.71 -15.54 -8.55
N SER B 16 -13.80 -16.16 -7.76
CA SER B 16 -14.13 -16.78 -6.49
C SER B 16 -14.56 -15.77 -5.48
N TYR B 17 -13.76 -14.66 -5.37
CA TYR B 17 -14.08 -13.70 -4.26
C TYR B 17 -15.37 -12.94 -4.58
N GLN B 18 -15.63 -12.81 -5.88
CA GLN B 18 -16.86 -12.03 -6.31
C GLN B 18 -18.16 -12.72 -6.03
N ILE B 19 -18.18 -14.09 -6.09
CA ILE B 19 -19.43 -14.85 -5.97
C ILE B 19 -19.57 -15.73 -4.74
N GLU B 20 -18.46 -16.21 -4.17
CA GLU B 20 -18.55 -17.35 -3.21
C GLU B 20 -19.10 -17.01 -1.86
N GLY B 21 -18.58 -15.93 -1.25
CA GLY B 21 -18.99 -15.68 0.17
C GLY B 21 -18.22 -16.70 1.02
N SER B 22 -18.45 -16.66 2.30
CA SER B 22 -17.85 -17.66 3.28
C SER B 22 -16.32 -17.76 3.15
N PRO B 23 -15.65 -16.59 3.06
CA PRO B 23 -14.19 -16.61 2.83
C PRO B 23 -13.36 -17.30 3.92
N LEU B 24 -13.90 -17.40 5.17
CA LEU B 24 -13.16 -18.13 6.17
C LEU B 24 -13.65 -19.55 6.49
N ALA B 25 -14.56 -20.10 5.69
CA ALA B 25 -15.19 -21.41 6.05
C ALA B 25 -14.12 -22.55 5.86
N ASP B 26 -14.34 -23.65 6.60
CA ASP B 26 -13.66 -24.91 6.37
C ASP B 26 -12.10 -24.77 6.29
N GLY B 27 -11.56 -23.94 7.20
CA GLY B 27 -10.10 -23.70 7.51
C GLY B 27 -9.40 -22.83 6.48
N ALA B 28 -10.18 -22.13 5.61
CA ALA B 28 -9.53 -21.20 4.66
C ALA B 28 -8.75 -20.04 5.40
N GLY B 29 -7.63 -19.60 4.84
CA GLY B 29 -6.92 -18.38 5.28
C GLY B 29 -7.60 -17.15 4.70
N MET B 30 -7.30 -16.01 5.31
CA MET B 30 -7.70 -14.70 4.76
C MET B 30 -6.99 -14.47 3.41
N SER B 31 -7.69 -13.79 2.51
CA SER B 31 -7.13 -13.18 1.29
C SER B 31 -6.91 -11.66 1.52
N ILE B 32 -6.19 -11.08 0.58
CA ILE B 32 -5.92 -9.64 0.59
C ILE B 32 -7.19 -8.83 0.29
N TRP B 33 -8.18 -9.45 -0.41
CA TRP B 33 -9.48 -8.81 -0.61
C TRP B 33 -10.36 -8.81 0.66
N HIS B 34 -10.25 -9.88 1.46
CA HIS B 34 -10.84 -9.90 2.79
C HIS B 34 -10.36 -8.69 3.67
N THR B 35 -9.04 -8.57 3.85
CA THR B 35 -8.44 -7.51 4.63
C THR B 35 -8.70 -6.11 3.99
N PHE B 36 -8.62 -6.01 2.66
CA PHE B 36 -8.80 -4.76 1.97
C PHE B 36 -10.22 -4.27 2.08
N SER B 37 -11.15 -5.16 1.84
CA SER B 37 -12.52 -4.78 1.97
C SER B 37 -13.03 -4.53 3.37
N HIS B 38 -12.44 -5.19 4.39
CA HIS B 38 -12.71 -4.91 5.75
C HIS B 38 -12.00 -3.64 6.28
N THR B 39 -11.31 -2.90 5.41
CA THR B 39 -10.71 -1.67 5.82
C THR B 39 -11.70 -0.52 5.40
N PRO B 40 -12.17 0.24 6.36
CA PRO B 40 -13.04 1.34 5.99
C PRO B 40 -12.48 2.28 4.93
N GLY B 41 -13.32 2.71 3.97
CA GLY B 41 -12.96 3.65 2.91
C GLY B 41 -12.51 3.04 1.66
N ASN B 42 -12.29 1.72 1.60
CA ASN B 42 -11.69 1.12 0.37
C ASN B 42 -12.77 0.63 -0.62
N VAL B 43 -13.97 0.32 -0.15
CA VAL B 43 -15.01 -0.24 -1.05
C VAL B 43 -16.28 0.58 -0.86
N LYS B 44 -16.92 0.94 -1.97
CA LYS B 44 -18.22 1.63 -1.86
C LYS B 44 -19.23 0.90 -0.90
N ASN B 45 -19.89 1.66 -0.04
CA ASN B 45 -20.88 1.26 0.96
C ASN B 45 -20.30 0.36 2.08
N GLY B 46 -18.98 0.23 2.13
CA GLY B 46 -18.34 -0.76 3.06
C GLY B 46 -18.68 -2.22 2.66
N ASP B 47 -18.99 -2.44 1.37
CA ASP B 47 -19.32 -3.81 0.94
C ASP B 47 -18.09 -4.73 1.03
N THR B 48 -18.33 -6.03 1.26
CA THR B 48 -17.21 -6.99 1.30
C THR B 48 -17.66 -8.22 0.61
N GLY B 49 -16.75 -9.16 0.51
CA GLY B 49 -17.10 -10.47 0.07
C GLY B 49 -17.51 -11.48 1.08
N ASP B 50 -18.02 -11.05 2.24
CA ASP B 50 -18.37 -12.00 3.28
C ASP B 50 -19.45 -13.00 2.83
N VAL B 51 -20.41 -12.52 2.01
CA VAL B 51 -21.60 -13.29 1.60
C VAL B 51 -21.64 -13.40 0.05
N ALA B 52 -21.53 -12.25 -0.65
CA ALA B 52 -21.59 -12.19 -2.11
C ALA B 52 -22.87 -12.91 -2.65
N CYS B 53 -22.71 -13.85 -3.60
CA CYS B 53 -23.86 -14.60 -4.11
C CYS B 53 -24.11 -15.90 -3.33
N ASP B 54 -23.44 -16.12 -2.19
CA ASP B 54 -23.42 -17.40 -1.43
C ASP B 54 -23.20 -18.63 -2.32
N HIS B 55 -22.37 -18.49 -3.34
CA HIS B 55 -22.01 -19.58 -4.28
C HIS B 55 -21.31 -20.76 -3.54
N TYR B 56 -20.68 -20.47 -2.40
CA TYR B 56 -20.07 -21.49 -1.55
C TYR B 56 -21.15 -22.49 -1.20
N ASN B 57 -22.40 -22.07 -1.08
CA ASN B 57 -23.50 -22.97 -0.75
C ASN B 57 -24.44 -23.30 -1.84
N ARG B 58 -24.58 -22.40 -2.79
CA ARG B 58 -25.51 -22.49 -3.95
C ARG B 58 -24.94 -22.91 -5.28
N TRP B 59 -23.71 -23.41 -5.27
CA TRP B 59 -23.01 -23.75 -6.50
C TRP B 59 -23.81 -24.68 -7.38
N LYS B 60 -24.54 -25.66 -6.77
CA LYS B 60 -25.23 -26.65 -7.61
C LYS B 60 -26.31 -26.00 -8.50
N GLU B 61 -27.13 -25.16 -7.88
CA GLU B 61 -28.14 -24.42 -8.60
C GLU B 61 -27.51 -23.55 -9.70
N ASP B 62 -26.41 -22.86 -9.36
CA ASP B 62 -25.72 -22.06 -10.33
C ASP B 62 -25.25 -22.80 -11.54
N ILE B 63 -24.72 -23.98 -11.32
CA ILE B 63 -24.31 -24.80 -12.45
C ILE B 63 -25.57 -25.26 -13.26
N GLU B 64 -26.65 -25.62 -12.57
CA GLU B 64 -27.94 -25.92 -13.25
C GLU B 64 -28.43 -24.77 -14.09
N ILE B 65 -28.20 -23.54 -13.62
CA ILE B 65 -28.47 -22.36 -14.49
C ILE B 65 -27.59 -22.30 -15.76
N ILE B 66 -26.31 -22.51 -15.61
CA ILE B 66 -25.42 -22.56 -16.80
C ILE B 66 -25.94 -23.53 -17.84
N GLU B 67 -26.29 -24.72 -17.39
CA GLU B 67 -26.89 -25.76 -18.20
C GLU B 67 -28.19 -25.32 -18.82
N LYS B 68 -29.09 -24.70 -18.09
CA LYS B 68 -30.25 -24.12 -18.77
C LYS B 68 -29.93 -23.10 -19.84
N ILE B 69 -29.00 -22.17 -19.60
CA ILE B 69 -28.61 -21.21 -20.63
C ILE B 69 -27.97 -21.91 -21.84
N GLY B 70 -27.27 -23.01 -21.56
CA GLY B 70 -26.57 -23.81 -22.58
C GLY B 70 -25.13 -23.53 -22.89
N ALA B 71 -24.47 -22.80 -22.00
CA ALA B 71 -23.11 -22.46 -22.23
C ALA B 71 -22.35 -23.75 -22.25
N LYS B 72 -21.40 -23.83 -23.15
CA LYS B 72 -20.52 -24.99 -23.24
C LYS B 72 -19.22 -24.94 -22.48
N ALA B 73 -18.86 -23.79 -21.93
CA ALA B 73 -17.65 -23.60 -21.12
C ALA B 73 -17.99 -22.67 -19.92
N TYR B 74 -17.37 -22.92 -18.79
CA TYR B 74 -17.52 -22.08 -17.60
C TYR B 74 -16.11 -21.69 -17.20
N ARG B 75 -15.79 -20.38 -17.15
CA ARG B 75 -14.54 -19.93 -16.58
C ARG B 75 -14.79 -19.48 -15.10
N PHE B 76 -14.01 -20.05 -14.18
CA PHE B 76 -14.14 -19.76 -12.81
C PHE B 76 -12.72 -19.80 -12.23
N SER B 77 -12.55 -19.23 -11.09
CA SER B 77 -11.26 -19.18 -10.39
C SER B 77 -11.31 -19.92 -9.05
N ILE B 78 -10.10 -20.28 -8.66
CA ILE B 78 -9.82 -20.92 -7.45
C ILE B 78 -9.22 -19.97 -6.46
N SER B 79 -9.79 -19.97 -5.24
CA SER B 79 -9.25 -19.15 -4.14
C SER B 79 -8.00 -19.83 -3.54
N TRP B 80 -6.86 -19.21 -3.79
CA TRP B 80 -5.56 -19.72 -3.25
C TRP B 80 -5.60 -19.97 -1.72
N PRO B 81 -6.09 -19.05 -0.90
CA PRO B 81 -6.12 -19.38 0.54
C PRO B 81 -7.15 -20.41 0.98
N ARG B 82 -8.09 -20.81 0.17
CA ARG B 82 -8.87 -22.00 0.51
C ARG B 82 -8.06 -23.28 0.32
N ILE B 83 -7.15 -23.30 -0.62
CA ILE B 83 -6.29 -24.47 -0.93
C ILE B 83 -5.03 -24.53 -0.05
N LEU B 84 -4.37 -23.40 0.14
CA LEU B 84 -3.21 -23.29 0.97
C LEU B 84 -3.43 -22.15 1.96
N PRO B 85 -4.00 -22.45 3.11
CA PRO B 85 -4.36 -21.27 3.98
C PRO B 85 -3.20 -20.41 4.46
N GLU B 86 -2.02 -20.98 4.50
CA GLU B 86 -0.77 -20.28 4.83
C GLU B 86 0.14 -19.90 3.60
N GLY B 87 -0.44 -19.91 2.39
CA GLY B 87 0.15 -19.48 1.16
C GLY B 87 0.95 -20.64 0.53
N THR B 88 1.81 -21.24 1.38
CA THR B 88 2.56 -22.41 1.09
C THR B 88 2.30 -23.40 2.27
N GLY B 89 2.62 -24.68 2.00
CA GLY B 89 2.62 -25.69 3.02
C GLY B 89 1.45 -26.72 2.95
N LYS B 90 0.67 -26.78 3.98
CA LYS B 90 -0.41 -27.79 4.06
C LYS B 90 -1.62 -27.52 3.19
N VAL B 91 -1.97 -28.50 2.33
CA VAL B 91 -3.15 -28.38 1.47
C VAL B 91 -4.44 -28.65 2.31
N ASN B 92 -5.40 -27.77 2.20
CA ASN B 92 -6.63 -27.86 2.85
C ASN B 92 -7.58 -28.77 2.02
N GLN B 93 -7.78 -29.98 2.48
CA GLN B 93 -8.65 -30.99 1.84
C GLN B 93 -10.05 -30.50 1.52
N LYS B 94 -10.66 -29.76 2.44
CA LYS B 94 -12.01 -29.21 2.25
C LYS B 94 -12.07 -28.17 1.15
N GLY B 95 -10.96 -27.48 0.94
CA GLY B 95 -10.80 -26.64 -0.15
C GLY B 95 -10.81 -27.33 -1.44
N LEU B 96 -9.98 -28.32 -1.54
CA LEU B 96 -9.95 -29.20 -2.74
C LEU B 96 -11.36 -29.84 -3.01
N ASP B 97 -12.01 -30.36 -1.96
CA ASP B 97 -13.37 -30.98 -2.13
C ASP B 97 -14.39 -30.00 -2.74
N PHE B 98 -14.39 -28.74 -2.26
CA PHE B 98 -15.40 -27.73 -2.71
C PHE B 98 -15.22 -27.59 -4.24
N TYR B 99 -14.00 -27.37 -4.70
CA TYR B 99 -13.80 -27.31 -6.24
C TYR B 99 -14.02 -28.64 -6.96
N ASN B 100 -13.55 -29.76 -6.38
CA ASN B 100 -13.87 -31.08 -6.99
C ASN B 100 -15.37 -31.35 -7.28
N ARG B 101 -16.25 -31.01 -6.35
CA ARG B 101 -17.67 -31.07 -6.58
C ARG B 101 -18.09 -30.25 -7.79
N ILE B 102 -17.59 -29.02 -7.96
CA ILE B 102 -17.94 -28.17 -9.09
C ILE B 102 -17.43 -28.79 -10.35
N ILE B 103 -16.17 -29.24 -10.37
CA ILE B 103 -15.59 -29.82 -11.58
C ILE B 103 -16.43 -31.07 -12.03
N ASP B 104 -16.77 -31.95 -11.13
CA ASP B 104 -17.42 -33.23 -11.43
C ASP B 104 -18.79 -32.93 -11.97
N THR B 105 -19.49 -31.94 -11.33
CA THR B 105 -20.81 -31.56 -11.78
C THR B 105 -20.78 -30.99 -13.19
N LEU B 106 -19.79 -30.13 -13.48
CA LEU B 106 -19.67 -29.59 -14.77
C LEU B 106 -19.49 -30.68 -15.87
N LEU B 107 -18.55 -31.57 -15.63
CA LEU B 107 -18.28 -32.68 -16.58
C LEU B 107 -19.50 -33.62 -16.84
N GLU B 108 -20.20 -33.93 -15.78
CA GLU B 108 -21.42 -34.68 -15.86
C GLU B 108 -22.50 -33.95 -16.69
N LYS B 109 -22.50 -32.62 -16.78
CA LYS B 109 -23.36 -31.87 -17.66
C LYS B 109 -22.79 -31.43 -18.99
N ASN B 110 -21.63 -31.94 -19.35
CA ASN B 110 -20.91 -31.67 -20.58
C ASN B 110 -20.55 -30.20 -20.71
N ILE B 111 -20.17 -29.58 -19.59
CA ILE B 111 -19.66 -28.17 -19.63
C ILE B 111 -18.11 -28.23 -19.42
N THR B 112 -17.36 -27.63 -20.35
CA THR B 112 -15.92 -27.61 -20.30
C THR B 112 -15.45 -26.61 -19.26
N PRO B 113 -14.78 -27.10 -18.20
CA PRO B 113 -14.17 -26.14 -17.23
C PRO B 113 -12.94 -25.39 -17.79
N PHE B 114 -12.87 -24.08 -17.56
CA PHE B 114 -11.64 -23.29 -17.76
C PHE B 114 -11.30 -22.75 -16.36
N ILE B 115 -10.19 -23.16 -15.78
CA ILE B 115 -9.81 -22.69 -14.48
C ILE B 115 -8.81 -21.54 -14.53
N THR B 116 -9.14 -20.41 -13.90
CA THR B 116 -8.21 -19.30 -13.65
C THR B 116 -7.56 -19.60 -12.31
N ILE B 117 -6.28 -19.86 -12.30
CA ILE B 117 -5.50 -20.10 -11.04
C ILE B 117 -5.46 -18.94 -10.09
N TYR B 118 -5.24 -17.73 -10.63
CA TYR B 118 -5.25 -16.49 -9.79
C TYR B 118 -6.12 -15.40 -10.34
N HIS B 119 -7.14 -15.05 -9.57
CA HIS B 119 -8.05 -13.95 -9.89
C HIS B 119 -8.23 -13.06 -8.57
N TRP B 120 -7.04 -12.67 -8.06
CA TRP B 120 -6.74 -11.51 -7.22
C TRP B 120 -6.83 -11.79 -5.75
N ASP B 121 -7.32 -12.97 -5.33
CA ASP B 121 -7.45 -13.23 -3.90
C ASP B 121 -6.18 -13.86 -3.34
N LEU B 122 -5.08 -13.11 -3.30
CA LEU B 122 -3.82 -13.63 -2.76
C LEU B 122 -3.93 -13.98 -1.31
N PRO B 123 -3.31 -15.08 -0.82
CA PRO B 123 -3.31 -15.30 0.65
C PRO B 123 -2.64 -14.12 1.41
N PHE B 124 -3.31 -13.68 2.44
CA PHE B 124 -2.83 -12.58 3.27
C PHE B 124 -1.48 -12.96 3.95
N SER B 125 -1.26 -14.25 4.19
CA SER B 125 0.00 -14.69 4.71
C SER B 125 1.16 -14.29 3.82
N LEU B 126 0.95 -14.32 2.51
CA LEU B 126 2.02 -14.00 1.55
C LEU B 126 2.19 -12.48 1.33
N GLN B 127 1.10 -11.74 1.57
CA GLN B 127 1.14 -10.31 1.45
C GLN B 127 1.99 -9.75 2.51
N LEU B 128 1.92 -10.32 3.70
CA LEU B 128 2.81 -9.95 4.74
C LEU B 128 4.32 -10.13 4.43
N LYS B 129 4.68 -11.03 3.51
CA LYS B 129 6.06 -11.18 2.96
C LYS B 129 6.32 -10.38 1.69
N GLY B 130 5.37 -9.47 1.38
CA GLY B 130 5.45 -8.54 0.27
C GLY B 130 4.63 -8.79 -0.94
N GLY B 131 4.05 -10.00 -1.01
CA GLY B 131 3.18 -10.36 -2.05
C GLY B 131 3.87 -10.38 -3.38
N TRP B 132 3.19 -9.86 -4.37
CA TRP B 132 3.76 -9.76 -5.71
C TRP B 132 5.07 -8.95 -5.86
N ALA B 133 5.43 -8.15 -4.84
CA ALA B 133 6.68 -7.52 -4.85
C ALA B 133 7.89 -8.34 -4.52
N ASN B 134 7.68 -9.51 -3.83
CA ASN B 134 8.76 -10.37 -3.38
C ASN B 134 9.07 -11.33 -4.57
N ARG B 135 10.29 -11.33 -5.05
CA ARG B 135 10.72 -12.21 -6.10
C ARG B 135 10.37 -13.72 -5.85
N ASP B 136 10.31 -14.13 -4.60
CA ASP B 136 10.03 -15.53 -4.23
C ASP B 136 8.58 -15.86 -4.56
N ILE B 137 7.65 -14.88 -4.78
CA ILE B 137 6.33 -15.18 -5.16
C ILE B 137 6.25 -16.10 -6.40
N ALA B 138 7.22 -16.04 -7.30
CA ALA B 138 7.16 -16.88 -8.46
C ALA B 138 7.21 -18.37 -8.06
N ASP B 139 8.06 -18.70 -7.07
CA ASP B 139 8.15 -20.07 -6.58
C ASP B 139 6.91 -20.44 -5.83
N TRP B 140 6.40 -19.49 -5.04
CA TRP B 140 5.19 -19.82 -4.25
C TRP B 140 3.97 -20.11 -5.18
N PHE B 141 3.92 -19.36 -6.23
CA PHE B 141 2.85 -19.52 -7.29
C PHE B 141 2.98 -20.83 -8.04
N ALA B 142 4.22 -21.20 -8.40
CA ALA B 142 4.48 -22.48 -9.06
C ALA B 142 4.07 -23.66 -8.18
N GLU B 143 4.34 -23.58 -6.86
CA GLU B 143 4.02 -24.63 -5.98
C GLU B 143 2.48 -24.72 -5.79
N TYR B 144 1.83 -23.58 -5.64
CA TYR B 144 0.33 -23.54 -5.67
C TYR B 144 -0.25 -24.19 -6.92
N SER B 145 0.28 -23.77 -8.04
CA SER B 145 -0.12 -24.26 -9.37
C SER B 145 0.02 -25.80 -9.41
N ARG B 146 1.08 -26.30 -8.81
CA ARG B 146 1.38 -27.71 -8.80
C ARG B 146 0.26 -28.47 -8.08
N VAL B 147 -0.12 -27.94 -6.92
CA VAL B 147 -1.17 -28.57 -6.21
C VAL B 147 -2.47 -28.71 -7.11
N LEU B 148 -2.88 -27.59 -7.72
CA LEU B 148 -4.07 -27.60 -8.60
C LEU B 148 -3.92 -28.55 -9.81
N PHE B 149 -2.76 -28.57 -10.46
CA PHE B 149 -2.56 -29.40 -11.60
C PHE B 149 -2.62 -30.87 -11.19
N GLU B 150 -2.01 -31.23 -10.04
CA GLU B 150 -1.91 -32.69 -9.66
C GLU B 150 -3.30 -33.22 -9.19
N ASN B 151 -4.15 -32.35 -8.67
CA ASN B 151 -5.47 -32.74 -8.08
C ASN B 151 -6.62 -32.58 -9.05
N PHE B 152 -6.56 -31.62 -9.97
CA PHE B 152 -7.71 -31.30 -10.82
C PHE B 152 -7.36 -31.64 -12.27
N GLY B 153 -6.07 -31.71 -12.60
CA GLY B 153 -5.63 -31.89 -13.98
C GLY B 153 -6.00 -33.16 -14.75
N ASP B 154 -6.32 -34.18 -14.03
CA ASP B 154 -6.91 -35.39 -14.64
C ASP B 154 -8.22 -35.03 -15.47
N ARG B 155 -9.01 -34.11 -14.96
CA ARG B 155 -10.34 -33.75 -15.50
C ARG B 155 -10.44 -32.35 -16.13
N VAL B 156 -9.71 -31.38 -15.58
CA VAL B 156 -9.58 -30.03 -16.21
C VAL B 156 -8.36 -29.91 -17.23
N LYS B 157 -8.71 -29.56 -18.47
CA LYS B 157 -7.72 -29.43 -19.54
C LYS B 157 -7.55 -28.03 -20.11
N HIS B 158 -8.20 -27.04 -19.54
CA HIS B 158 -8.01 -25.70 -19.95
C HIS B 158 -7.77 -24.82 -18.77
N TRP B 159 -6.64 -24.11 -18.79
CA TRP B 159 -6.11 -23.41 -17.61
C TRP B 159 -5.56 -22.00 -17.96
N ILE B 160 -5.71 -21.04 -17.06
CA ILE B 160 -5.25 -19.68 -17.19
C ILE B 160 -4.42 -19.38 -15.92
N THR B 161 -3.17 -18.95 -16.10
CA THR B 161 -2.30 -18.68 -14.95
C THR B 161 -2.83 -17.50 -14.14
N LEU B 162 -2.96 -16.37 -14.81
CA LEU B 162 -3.23 -15.12 -14.16
C LEU B 162 -4.32 -14.35 -14.91
N ASN B 163 -5.20 -13.71 -14.14
CA ASN B 163 -6.19 -12.78 -14.65
C ASN B 163 -5.80 -11.33 -14.55
N GLU B 164 -5.77 -10.66 -15.72
CA GLU B 164 -5.58 -9.18 -15.79
C GLU B 164 -4.39 -8.72 -14.96
N LEU B 165 -3.23 -9.12 -15.44
CA LEU B 165 -1.94 -8.81 -14.76
C LEU B 165 -1.72 -7.30 -14.59
N TRP B 166 -2.13 -6.53 -15.63
CA TRP B 166 -1.93 -5.03 -15.53
C TRP B 166 -2.74 -4.46 -14.30
N VAL B 167 -3.92 -4.99 -14.10
CA VAL B 167 -4.80 -4.49 -13.00
C VAL B 167 -4.22 -4.82 -11.63
N VAL B 168 -3.77 -6.07 -11.45
CA VAL B 168 -3.06 -6.51 -10.27
C VAL B 168 -1.89 -5.57 -9.91
N ALA B 169 -1.02 -5.33 -10.89
CA ALA B 169 0.18 -4.51 -10.70
C ALA B 169 -0.20 -3.06 -10.45
N ILE B 170 -0.89 -2.45 -11.41
CA ILE B 170 -1.02 -0.99 -11.44
C ILE B 170 -2.14 -0.49 -10.57
N VAL B 171 -3.31 -1.06 -10.74
CA VAL B 171 -4.45 -0.70 -9.83
C VAL B 171 -4.23 -1.08 -8.35
N GLY B 172 -3.62 -2.25 -8.11
CA GLY B 172 -3.27 -2.66 -6.75
C GLY B 172 -2.09 -1.98 -6.05
N HIS B 173 -1.05 -1.60 -6.82
CA HIS B 173 0.19 -1.13 -6.26
C HIS B 173 0.65 0.27 -6.62
N LEU B 174 0.04 0.89 -7.69
CA LEU B 174 0.32 2.26 -8.07
C LEU B 174 -0.89 3.20 -7.74
N TYR B 175 -2.10 2.82 -8.11
CA TYR B 175 -3.27 3.67 -7.83
C TYR B 175 -3.86 3.43 -6.48
N GLY B 176 -3.55 2.24 -5.92
CA GLY B 176 -4.00 1.89 -4.61
C GLY B 176 -5.55 1.64 -4.50
N VAL B 177 -6.26 1.46 -5.60
CA VAL B 177 -7.76 1.36 -5.60
C VAL B 177 -8.18 -0.11 -5.42
N HIS B 178 -7.31 -1.08 -5.78
CA HIS B 178 -7.46 -2.46 -5.44
C HIS B 178 -6.43 -2.99 -4.41
N ALA B 179 -6.80 -4.11 -3.78
CA ALA B 179 -5.92 -4.81 -2.91
C ALA B 179 -4.54 -5.11 -3.63
N PRO B 180 -3.40 -4.89 -2.93
CA PRO B 180 -3.35 -4.62 -1.44
C PRO B 180 -3.35 -3.15 -1.03
N GLY B 181 -3.66 -2.26 -1.96
CA GLY B 181 -3.97 -0.88 -1.65
C GLY B 181 -2.74 0.08 -1.63
N MET B 182 -1.72 -0.18 -2.46
CA MET B 182 -0.52 0.70 -2.48
C MET B 182 -0.39 1.70 -3.57
N LYS B 183 0.46 2.70 -3.29
CA LYS B 183 0.80 3.79 -4.22
C LYS B 183 2.35 3.97 -4.27
N ASP B 184 3.01 3.09 -5.06
CA ASP B 184 4.47 3.15 -5.21
C ASP B 184 4.85 2.60 -6.58
N ILE B 185 5.36 3.48 -7.42
CA ILE B 185 5.55 3.12 -8.83
C ILE B 185 6.68 2.05 -9.00
N TYR B 186 7.65 2.09 -8.07
CA TYR B 186 8.73 1.10 -8.08
C TYR B 186 8.18 -0.29 -7.70
N VAL B 187 7.47 -0.34 -6.60
CA VAL B 187 6.77 -1.58 -6.26
C VAL B 187 5.92 -2.09 -7.46
N ALA B 188 5.05 -1.24 -8.05
CA ALA B 188 4.18 -1.55 -9.12
C ALA B 188 4.88 -2.21 -10.27
N PHE B 189 5.99 -1.65 -10.69
CA PHE B 189 6.76 -2.31 -11.78
C PHE B 189 7.52 -3.51 -11.40
N HIS B 190 7.89 -3.63 -10.16
CA HIS B 190 8.45 -4.92 -9.70
C HIS B 190 7.33 -5.96 -9.75
N THR B 191 6.07 -5.62 -9.37
CA THR B 191 5.00 -6.59 -9.48
C THR B 191 4.66 -7.03 -10.93
N VAL B 192 4.75 -6.09 -11.85
CA VAL B 192 4.65 -6.44 -13.27
C VAL B 192 5.60 -7.58 -13.68
N HIS B 193 6.87 -7.39 -13.38
CA HIS B 193 7.88 -8.38 -13.72
C HIS B 193 7.71 -9.71 -12.93
N ASN B 194 7.36 -9.66 -11.66
CA ASN B 194 7.17 -10.91 -10.90
C ASN B 194 5.99 -11.69 -11.36
N LEU B 195 4.92 -11.01 -11.77
CA LEU B 195 3.75 -11.68 -12.38
C LEU B 195 4.16 -12.48 -13.60
N LEU B 196 5.01 -11.90 -14.44
CA LEU B 196 5.53 -12.66 -15.64
C LEU B 196 6.36 -13.84 -15.24
N ARG B 197 7.21 -13.65 -14.24
CA ARG B 197 8.12 -14.70 -13.74
C ARG B 197 7.26 -15.87 -13.13
N ALA B 198 6.20 -15.52 -12.45
CA ALA B 198 5.32 -16.50 -11.87
C ALA B 198 4.53 -17.30 -12.92
N HIS B 199 3.93 -16.57 -13.84
CA HIS B 199 3.22 -17.19 -14.95
C HIS B 199 4.20 -18.25 -15.59
N ALA B 200 5.45 -17.84 -15.83
CA ALA B 200 6.37 -18.74 -16.58
C ALA B 200 6.73 -20.02 -15.84
N LYS B 201 6.95 -19.90 -14.50
CA LYS B 201 7.23 -21.03 -13.63
C LYS B 201 5.99 -21.97 -13.61
N SER B 202 4.79 -21.39 -13.62
CA SER B 202 3.52 -22.16 -13.59
C SER B 202 3.38 -22.95 -14.88
N VAL B 203 3.63 -22.28 -15.98
CA VAL B 203 3.66 -23.00 -17.27
C VAL B 203 4.71 -24.22 -17.30
N LYS B 204 5.89 -24.00 -16.74
CA LYS B 204 6.86 -25.12 -16.69
C LYS B 204 6.38 -26.37 -15.86
N VAL B 205 5.70 -26.13 -14.73
CA VAL B 205 5.11 -27.18 -13.96
C VAL B 205 3.93 -27.83 -14.68
N PHE B 206 3.14 -27.00 -15.36
CA PHE B 206 2.04 -27.55 -16.20
C PHE B 206 2.52 -28.57 -17.21
N ARG B 207 3.64 -28.27 -17.83
CA ARG B 207 4.13 -29.21 -18.83
C ARG B 207 4.56 -30.54 -18.22
N GLU B 208 5.09 -30.54 -17.02
CA GLU B 208 5.40 -31.76 -16.37
C GLU B 208 4.21 -32.51 -15.83
N THR B 209 3.11 -31.86 -15.47
CA THR B 209 2.04 -32.50 -14.73
C THR B 209 0.72 -32.71 -15.51
N VAL B 210 0.44 -31.97 -16.58
CA VAL B 210 -0.89 -32.12 -17.20
C VAL B 210 -0.71 -32.69 -18.60
N LYS B 211 -1.34 -33.82 -18.78
CA LYS B 211 -1.46 -34.61 -20.00
C LYS B 211 -2.57 -34.03 -20.87
N ASP B 212 -2.21 -33.67 -22.07
CA ASP B 212 -3.19 -33.31 -23.05
C ASP B 212 -3.94 -32.06 -22.58
N GLY B 213 -3.22 -31.15 -22.00
CA GLY B 213 -3.76 -29.88 -21.49
C GLY B 213 -3.35 -28.64 -22.26
N LYS B 214 -4.11 -27.57 -22.04
CA LYS B 214 -3.85 -26.25 -22.61
C LYS B 214 -3.82 -25.18 -21.57
N ILE B 215 -2.80 -24.35 -21.64
CA ILE B 215 -2.59 -23.31 -20.73
C ILE B 215 -2.39 -21.98 -21.35
N GLY B 216 -2.96 -20.95 -20.73
CA GLY B 216 -2.79 -19.59 -21.18
C GLY B 216 -2.82 -18.57 -20.09
N ILE B 217 -3.18 -17.36 -20.45
CA ILE B 217 -3.01 -16.17 -19.64
C ILE B 217 -4.05 -15.10 -20.11
N VAL B 218 -4.58 -14.26 -19.17
CA VAL B 218 -5.65 -13.30 -19.48
C VAL B 218 -5.22 -11.85 -19.28
N PHE B 219 -5.49 -11.04 -20.28
CA PHE B 219 -5.20 -9.59 -20.23
C PHE B 219 -6.47 -8.73 -20.36
N ASN B 220 -6.60 -7.70 -19.52
CA ASN B 220 -7.58 -6.58 -19.73
C ASN B 220 -7.05 -5.79 -20.94
N ASN B 221 -8.00 -5.18 -21.66
CA ASN B 221 -7.69 -4.29 -22.74
C ASN B 221 -8.80 -3.28 -22.88
N GLY B 222 -8.37 -2.05 -23.14
CA GLY B 222 -9.21 -0.93 -23.60
C GLY B 222 -8.81 -0.58 -25.06
N TYR B 223 -9.73 0.01 -25.77
CA TYR B 223 -9.47 0.51 -27.09
C TYR B 223 -9.16 2.02 -27.05
N PHE B 224 -7.87 2.36 -27.30
CA PHE B 224 -7.39 3.74 -27.13
C PHE B 224 -7.38 4.44 -28.50
N GLU B 225 -8.03 5.57 -28.63
CA GLU B 225 -8.00 6.29 -29.87
C GLU B 225 -7.35 7.69 -29.58
N PRO B 226 -6.62 8.25 -30.53
CA PRO B 226 -6.01 9.60 -30.29
C PRO B 226 -7.09 10.76 -30.41
N ALA B 227 -6.92 11.84 -29.63
CA ALA B 227 -7.80 12.99 -29.72
C ALA B 227 -7.73 13.68 -31.01
N SER B 228 -6.66 13.49 -31.74
CA SER B 228 -6.50 14.19 -33.02
C SER B 228 -5.51 13.46 -33.83
N GLU B 229 -5.27 13.96 -35.05
CA GLU B 229 -4.23 13.42 -35.93
C GLU B 229 -2.80 13.94 -35.67
N ARG B 230 -2.57 14.67 -34.60
CA ARG B 230 -1.27 15.25 -34.36
C ARG B 230 -0.37 14.18 -33.81
N GLU B 231 0.90 14.23 -34.18
CA GLU B 231 1.86 13.18 -33.76
C GLU B 231 1.83 12.85 -32.29
N GLU B 232 1.84 13.86 -31.47
CA GLU B 232 1.82 13.60 -30.03
C GLU B 232 0.61 12.89 -29.50
N ASP B 233 -0.56 13.11 -30.09
CA ASP B 233 -1.76 12.44 -29.64
C ASP B 233 -1.75 10.98 -30.16
N ILE B 234 -1.25 10.74 -31.39
CA ILE B 234 -1.21 9.35 -31.85
C ILE B 234 -0.22 8.61 -30.90
N ARG B 235 0.86 9.27 -30.51
CA ARG B 235 1.89 8.61 -29.62
C ARG B 235 1.33 8.31 -28.29
N ALA B 236 0.46 9.20 -27.80
CA ALA B 236 -0.14 9.04 -26.47
C ALA B 236 -1.11 7.77 -26.47
N ALA B 237 -1.92 7.60 -27.53
CA ALA B 237 -2.69 6.37 -27.74
C ALA B 237 -1.79 5.12 -27.84
N ARG B 238 -0.69 5.20 -28.55
CA ARG B 238 0.20 4.05 -28.67
C ARG B 238 0.81 3.75 -27.30
N PHE B 239 1.27 4.72 -26.55
CA PHE B 239 1.71 4.48 -25.15
C PHE B 239 0.65 3.73 -24.33
N MET B 240 -0.60 4.18 -24.39
CA MET B 240 -1.64 3.57 -23.55
C MET B 240 -1.93 2.13 -23.97
N HIS B 241 -1.95 1.87 -25.26
CA HIS B 241 -2.09 0.53 -25.80
C HIS B 241 -0.96 -0.39 -25.32
N GLN B 242 0.27 0.13 -25.40
CA GLN B 242 1.47 -0.70 -25.01
C GLN B 242 1.52 -0.91 -23.49
N PHE B 243 0.99 -0.02 -22.68
CA PHE B 243 1.07 -0.10 -21.22
C PHE B 243 -0.15 -0.89 -20.67
N ASN B 244 -1.39 -0.47 -21.05
CA ASN B 244 -2.63 -1.05 -20.47
C ASN B 244 -3.08 -2.40 -21.07
N ASN B 245 -2.67 -2.68 -22.33
CA ASN B 245 -3.17 -3.85 -23.09
C ASN B 245 -2.12 -5.01 -23.16
N TYR B 246 -2.44 -5.99 -23.96
CA TYR B 246 -1.60 -7.17 -24.13
C TYR B 246 -0.11 -6.94 -24.42
N PRO B 247 0.31 -5.83 -25.07
CA PRO B 247 1.71 -5.76 -25.35
C PRO B 247 2.58 -5.72 -24.07
N LEU B 248 2.09 -5.22 -22.95
CA LEU B 248 3.00 -5.06 -21.82
C LEU B 248 3.64 -6.45 -21.42
N PHE B 249 2.84 -7.51 -21.52
CA PHE B 249 3.25 -8.89 -21.20
C PHE B 249 3.63 -9.72 -22.37
N LEU B 250 2.92 -9.59 -23.47
CA LEU B 250 3.32 -10.35 -24.70
C LEU B 250 4.62 -9.92 -25.36
N ASN B 251 5.09 -8.69 -25.15
CA ASN B 251 6.31 -8.24 -25.79
C ASN B 251 7.44 -9.01 -25.11
N PRO B 252 7.37 -9.10 -23.78
CA PRO B 252 8.40 -9.99 -23.16
C PRO B 252 8.29 -11.41 -23.58
N ILE B 253 7.07 -11.99 -23.56
CA ILE B 253 6.87 -13.42 -23.82
C ILE B 253 7.27 -13.79 -25.24
N TYR B 254 6.89 -12.97 -26.24
CA TYR B 254 7.17 -13.32 -27.68
C TYR B 254 8.50 -12.72 -28.18
N ARG B 255 8.83 -11.49 -27.78
CA ARG B 255 10.00 -10.81 -28.27
C ARG B 255 11.14 -10.68 -27.25
N GLY B 256 10.98 -10.98 -25.97
CA GLY B 256 12.18 -10.94 -25.08
C GLY B 256 12.46 -9.49 -24.67
N GLU B 257 11.48 -8.56 -24.72
CA GLU B 257 11.69 -7.22 -24.19
C GLU B 257 10.36 -6.52 -23.86
N TYR B 258 10.36 -5.63 -22.89
CA TYR B 258 9.09 -4.82 -22.62
C TYR B 258 8.81 -3.88 -23.86
N PRO B 259 7.57 -3.35 -24.00
CA PRO B 259 7.37 -2.49 -25.21
C PRO B 259 8.19 -1.19 -25.05
N ASP B 260 8.70 -0.65 -26.14
CA ASP B 260 9.56 0.51 -26.16
C ASP B 260 9.09 1.77 -25.50
N LEU B 261 7.81 2.13 -25.72
CA LEU B 261 7.30 3.37 -25.06
C LEU B 261 7.14 3.17 -23.55
N VAL B 262 6.75 1.98 -23.11
CA VAL B 262 6.77 1.67 -21.69
C VAL B 262 8.20 1.66 -21.10
N LEU B 263 9.18 1.11 -21.79
CA LEU B 263 10.54 1.21 -21.27
C LEU B 263 11.04 2.63 -21.16
N GLU B 264 10.68 3.45 -22.11
CA GLU B 264 11.15 4.84 -22.09
C GLU B 264 10.51 5.53 -20.89
N PHE B 265 9.31 5.14 -20.50
CA PHE B 265 8.70 5.73 -19.29
C PHE B 265 9.18 5.09 -18.00
N ALA B 266 9.43 3.81 -17.98
CA ALA B 266 9.40 3.06 -16.75
C ALA B 266 10.65 2.20 -16.51
N ARG B 267 11.63 2.18 -17.43
CA ARG B 267 12.83 1.40 -17.22
C ARG B 267 13.37 1.53 -15.79
N GLU B 268 13.49 2.75 -15.25
CA GLU B 268 14.03 2.94 -13.91
C GLU B 268 13.25 2.26 -12.79
N TYR B 269 12.02 1.85 -13.06
CA TYR B 269 11.15 1.29 -12.00
C TYR B 269 11.20 -0.20 -12.00
N LEU B 270 11.64 -0.79 -13.11
CA LEU B 270 11.71 -2.26 -13.19
C LEU B 270 12.88 -2.83 -12.33
N PRO B 271 12.84 -4.11 -11.99
CA PRO B 271 13.99 -4.70 -11.21
C PRO B 271 15.30 -4.56 -11.84
N ARG B 272 16.35 -4.35 -11.03
CA ARG B 272 17.72 -4.28 -11.59
C ARG B 272 17.98 -5.66 -12.11
N ASN B 273 18.53 -5.71 -13.30
CA ASN B 273 18.92 -7.01 -13.92
C ASN B 273 17.72 -7.89 -14.34
N TYR B 274 16.62 -7.21 -14.64
CA TYR B 274 15.40 -7.88 -15.02
C TYR B 274 15.61 -8.71 -16.31
N GLU B 275 16.58 -8.28 -17.10
CA GLU B 275 16.88 -8.96 -18.39
CA GLU B 275 16.89 -8.95 -18.36
C GLU B 275 17.32 -10.39 -18.13
N ASP B 276 17.97 -10.65 -17.00
CA ASP B 276 18.42 -12.02 -16.68
C ASP B 276 17.27 -13.04 -16.54
N ASP B 277 16.05 -12.52 -16.32
CA ASP B 277 14.90 -13.41 -16.19
C ASP B 277 14.16 -13.66 -17.54
N MET B 278 14.52 -12.97 -18.62
CA MET B 278 13.72 -13.04 -19.92
C MET B 278 13.67 -14.40 -20.55
N GLU B 279 14.83 -15.05 -20.61
CA GLU B 279 14.82 -16.37 -21.20
C GLU B 279 13.77 -17.31 -20.51
N GLU B 280 13.70 -17.31 -19.19
CA GLU B 280 12.72 -18.15 -18.52
C GLU B 280 11.28 -17.68 -18.77
N ILE B 281 11.12 -16.40 -18.91
CA ILE B 281 9.76 -15.82 -19.13
C ILE B 281 9.14 -16.27 -20.42
N LYS B 282 9.99 -16.52 -21.47
CA LYS B 282 9.51 -16.86 -22.78
C LYS B 282 9.00 -18.33 -22.99
N GLN B 283 8.37 -18.94 -22.03
CA GLN B 283 7.80 -20.26 -22.18
C GLN B 283 6.60 -20.24 -23.14
N GLU B 284 6.48 -21.31 -23.95
CA GLU B 284 5.42 -21.47 -24.92
C GLU B 284 4.08 -21.65 -24.20
N ILE B 285 3.07 -20.96 -24.74
CA ILE B 285 1.72 -21.07 -24.21
C ILE B 285 0.74 -21.55 -25.29
N ASP B 286 -0.45 -21.98 -24.91
CA ASP B 286 -1.38 -22.59 -25.92
C ASP B 286 -2.38 -21.59 -26.46
N PHE B 287 -2.74 -20.62 -25.62
CA PHE B 287 -3.68 -19.58 -26.01
C PHE B 287 -3.49 -18.28 -25.24
N VAL B 288 -4.03 -17.18 -25.85
CA VAL B 288 -4.09 -15.90 -25.23
C VAL B 288 -5.54 -15.57 -24.98
N GLY B 289 -5.86 -15.18 -23.75
CA GLY B 289 -7.19 -14.71 -23.35
C GLY B 289 -7.22 -13.20 -23.31
N LEU B 290 -8.25 -12.58 -23.93
CA LEU B 290 -8.39 -11.13 -23.90
C LEU B 290 -9.77 -10.80 -23.41
N ASN B 291 -9.79 -9.90 -22.43
CA ASN B 291 -11.04 -9.29 -21.92
C ASN B 291 -11.14 -7.90 -22.59
N TYR B 292 -12.37 -7.42 -22.80
CA TYR B 292 -12.61 -6.11 -23.41
C TYR B 292 -13.99 -5.63 -22.89
N TYR B 293 -14.04 -4.37 -22.46
CA TYR B 293 -15.29 -3.66 -22.03
C TYR B 293 -15.52 -2.29 -22.71
N SER B 294 -14.48 -1.50 -22.90
CA SER B 294 -14.70 -0.08 -23.26
C SER B 294 -13.56 0.60 -24.02
N GLY B 295 -13.89 1.78 -24.58
CA GLY B 295 -12.91 2.56 -25.28
C GLY B 295 -12.56 3.83 -24.52
N HIS B 296 -11.40 4.39 -24.86
CA HIS B 296 -10.97 5.65 -24.31
C HIS B 296 -10.30 6.48 -25.37
N MET B 297 -10.64 7.77 -25.46
CA MET B 297 -9.87 8.77 -26.24
C MET B 297 -8.78 9.38 -25.39
N VAL B 298 -7.58 9.49 -25.93
CA VAL B 298 -6.46 10.02 -25.14
C VAL B 298 -5.74 11.16 -25.86
N LYS B 299 -5.23 12.10 -25.10
CA LYS B 299 -4.34 13.09 -25.68
C LYS B 299 -2.96 13.23 -24.96
N TYR B 300 -2.05 13.82 -25.68
CA TYR B 300 -0.78 14.22 -25.07
C TYR B 300 -1.10 15.37 -24.08
N ASP B 301 -0.46 15.31 -22.93
CA ASP B 301 -0.67 16.33 -21.90
C ASP B 301 0.60 16.53 -21.10
N PRO B 302 1.28 17.66 -21.27
CA PRO B 302 2.63 17.69 -20.63
C PRO B 302 2.67 17.67 -19.05
N ASN B 303 1.58 18.05 -18.38
CA ASN B 303 1.47 18.05 -16.93
C ASN B 303 0.73 16.82 -16.40
N SER B 304 0.78 15.69 -17.07
CA SER B 304 -0.02 14.55 -16.62
C SER B 304 0.97 13.45 -16.42
N PRO B 305 0.66 12.49 -15.51
CA PRO B 305 1.61 11.36 -15.38
C PRO B 305 1.68 10.57 -16.73
N ALA B 306 2.95 10.32 -17.11
CA ALA B 306 3.29 9.66 -18.41
C ALA B 306 2.90 10.49 -19.61
N ARG B 307 2.58 11.76 -19.37
CA ARG B 307 2.23 12.69 -20.36
C ARG B 307 1.01 12.39 -21.26
N VAL B 308 0.05 11.73 -20.68
CA VAL B 308 -1.17 11.41 -21.36
C VAL B 308 -2.36 11.80 -20.48
N SER B 309 -3.46 12.25 -21.05
CA SER B 309 -4.71 12.22 -20.28
C SER B 309 -5.90 11.85 -21.17
N PHE B 310 -6.93 11.41 -20.49
CA PHE B 310 -8.17 10.85 -21.08
C PHE B 310 -9.08 11.96 -21.46
N VAL B 311 -9.87 11.82 -22.47
CA VAL B 311 -10.75 12.92 -22.92
C VAL B 311 -12.13 12.27 -22.97
N GLU B 312 -13.02 12.66 -22.04
CA GLU B 312 -14.39 12.24 -22.00
C GLU B 312 -15.11 12.57 -23.33
N ARG B 313 -15.88 11.62 -23.85
CA ARG B 313 -16.59 11.77 -25.10
C ARG B 313 -18.07 11.69 -24.81
N ASN B 314 -18.86 12.34 -25.64
CA ASN B 314 -20.32 12.21 -25.50
C ASN B 314 -20.73 10.97 -26.30
N LEU B 315 -20.52 9.83 -25.70
CA LEU B 315 -20.96 8.61 -26.32
C LEU B 315 -21.81 7.83 -25.36
N PRO B 316 -22.61 6.90 -25.85
CA PRO B 316 -23.26 6.02 -24.85
C PRO B 316 -22.32 5.32 -23.78
N LYS B 317 -22.76 5.28 -22.52
CA LYS B 317 -22.00 4.74 -21.41
C LYS B 317 -22.75 3.61 -20.66
N THR B 318 -22.03 2.73 -19.95
CA THR B 318 -22.64 1.81 -18.98
C THR B 318 -22.89 2.49 -17.69
N ALA B 319 -23.34 1.76 -16.68
CA ALA B 319 -23.49 2.37 -15.35
C ALA B 319 -22.11 2.57 -14.67
N MET B 320 -21.08 1.91 -15.14
CA MET B 320 -19.78 2.18 -14.61
C MET B 320 -19.28 3.55 -15.15
N GLY B 321 -19.98 4.21 -16.07
CA GLY B 321 -19.43 5.28 -16.90
C GLY B 321 -18.45 4.91 -18.07
N TRP B 322 -18.31 3.66 -18.43
CA TRP B 322 -17.46 3.17 -19.53
C TRP B 322 -18.17 3.40 -20.86
N GLU B 323 -17.42 3.96 -21.84
CA GLU B 323 -17.96 4.39 -23.14
C GLU B 323 -18.03 3.09 -23.97
N ILE B 324 -19.17 2.89 -24.58
CA ILE B 324 -19.50 1.78 -25.39
C ILE B 324 -19.02 1.99 -26.82
N VAL B 325 -18.00 1.23 -27.19
CA VAL B 325 -17.30 1.34 -28.49
C VAL B 325 -17.11 -0.06 -29.06
N PRO B 326 -18.16 -0.62 -29.70
CA PRO B 326 -18.11 -2.08 -29.98
C PRO B 326 -16.94 -2.49 -30.94
N GLU B 327 -16.63 -1.60 -31.91
CA GLU B 327 -15.59 -1.90 -32.89
C GLU B 327 -14.18 -2.07 -32.17
N GLY B 328 -14.05 -1.56 -30.95
CA GLY B 328 -12.84 -1.77 -30.26
C GLY B 328 -12.55 -3.25 -30.02
N ILE B 329 -13.55 -4.13 -29.84
CA ILE B 329 -13.22 -5.52 -29.67
C ILE B 329 -12.60 -6.13 -30.90
N TYR B 330 -13.07 -5.65 -32.08
CA TYR B 330 -12.48 -6.00 -33.33
C TYR B 330 -11.05 -5.54 -33.41
N TRP B 331 -10.80 -4.27 -33.06
CA TRP B 331 -9.44 -3.76 -33.21
C TRP B 331 -8.43 -4.39 -32.26
N ILE B 332 -8.89 -4.83 -31.12
CA ILE B 332 -7.97 -5.46 -30.14
C ILE B 332 -7.65 -6.90 -30.62
N LEU B 333 -8.62 -7.58 -31.20
CA LEU B 333 -8.39 -8.91 -31.76
C LEU B 333 -7.48 -8.92 -32.98
N LYS B 334 -7.76 -8.00 -33.90
CA LYS B 334 -6.90 -7.72 -35.04
C LYS B 334 -5.47 -7.38 -34.68
N GLY B 335 -5.36 -6.58 -33.60
CA GLY B 335 -4.10 -6.07 -33.09
C GLY B 335 -3.26 -7.24 -32.59
N VAL B 336 -3.91 -8.17 -31.85
CA VAL B 336 -3.14 -9.22 -31.20
C VAL B 336 -2.65 -10.14 -32.28
N LYS B 337 -3.48 -10.35 -33.27
CA LYS B 337 -3.04 -11.18 -34.37
C LYS B 337 -1.88 -10.55 -35.11
N GLU B 338 -1.99 -9.29 -35.45
CA GLU B 338 -0.99 -8.64 -36.29
C GLU B 338 0.32 -8.54 -35.54
N GLU B 339 0.27 -8.16 -34.28
CA GLU B 339 1.45 -7.89 -33.49
C GLU B 339 2.19 -9.13 -33.01
N TYR B 340 1.45 -10.17 -32.62
CA TYR B 340 2.05 -11.32 -31.96
C TYR B 340 1.65 -12.65 -32.56
N ASN B 341 0.57 -12.71 -33.30
CA ASN B 341 0.21 -13.88 -34.05
C ASN B 341 0.09 -15.22 -33.24
N PRO B 342 -0.65 -15.17 -32.12
CA PRO B 342 -0.89 -16.33 -31.33
C PRO B 342 -1.70 -17.35 -32.14
N GLN B 343 -1.47 -18.62 -31.87
CA GLN B 343 -2.25 -19.71 -32.51
C GLN B 343 -3.66 -19.86 -32.07
N GLU B 344 -4.00 -19.43 -30.84
CA GLU B 344 -5.37 -19.48 -30.43
C GLU B 344 -5.66 -18.30 -29.55
N VAL B 345 -6.85 -17.77 -29.73
CA VAL B 345 -7.31 -16.64 -28.92
C VAL B 345 -8.74 -16.89 -28.41
N TYR B 346 -9.03 -16.49 -27.19
CA TYR B 346 -10.35 -16.47 -26.56
C TYR B 346 -10.68 -15.06 -26.07
N ILE B 347 -11.92 -14.58 -26.31
CA ILE B 347 -12.43 -13.50 -25.53
C ILE B 347 -12.84 -14.08 -24.18
N THR B 348 -12.11 -13.76 -23.17
CA THR B 348 -12.33 -14.37 -21.81
C THR B 348 -13.24 -13.60 -20.90
N GLY B 349 -13.69 -12.41 -21.35
CA GLY B 349 -14.57 -11.57 -20.59
C GLY B 349 -15.07 -10.41 -21.46
N ASN B 350 -16.40 -10.21 -21.60
CA ASN B 350 -16.95 -9.06 -22.30
C ASN B 350 -18.36 -8.92 -21.78
N GLY B 351 -18.79 -7.70 -21.49
CA GLY B 351 -20.17 -7.55 -20.86
C GLY B 351 -20.31 -6.15 -20.36
N ALA B 352 -21.36 -5.92 -19.55
CA ALA B 352 -21.66 -4.57 -19.15
C ALA B 352 -22.52 -4.51 -17.87
N ALA B 353 -22.31 -3.45 -17.14
CA ALA B 353 -23.14 -3.15 -15.96
C ALA B 353 -24.23 -2.13 -16.36
N PHE B 354 -25.47 -2.46 -16.04
CA PHE B 354 -26.63 -1.55 -16.19
C PHE B 354 -27.42 -1.65 -14.92
N ASP B 355 -28.30 -0.68 -14.76
CA ASP B 355 -29.03 -0.56 -13.43
C ASP B 355 -30.26 -1.49 -13.51
N ASP B 356 -30.12 -2.77 -13.45
CA ASP B 356 -31.20 -3.76 -13.57
C ASP B 356 -32.20 -3.67 -12.41
N VAL B 357 -33.49 -3.83 -12.71
CA VAL B 357 -34.51 -3.89 -11.68
C VAL B 357 -35.39 -5.16 -12.01
N VAL B 358 -36.17 -5.62 -11.03
CA VAL B 358 -37.07 -6.73 -11.21
C VAL B 358 -38.49 -6.22 -11.49
N SER B 359 -38.98 -6.46 -12.67
CA SER B 359 -40.28 -6.09 -13.10
C SER B 359 -41.24 -7.31 -12.95
N GLU B 360 -42.54 -6.97 -12.88
CA GLU B 360 -43.65 -7.99 -12.80
C GLU B 360 -43.43 -9.09 -11.73
N GLY B 361 -42.83 -8.68 -10.61
CA GLY B 361 -42.55 -9.58 -9.48
C GLY B 361 -41.40 -10.52 -9.67
N GLY B 362 -40.86 -10.70 -10.87
CA GLY B 362 -39.82 -11.64 -11.15
C GLY B 362 -39.18 -11.77 -12.49
N LYS B 363 -39.08 -10.73 -13.28
CA LYS B 363 -38.40 -10.78 -14.54
C LYS B 363 -37.43 -9.59 -14.59
N VAL B 364 -36.38 -9.71 -15.38
CA VAL B 364 -35.41 -8.63 -15.53
C VAL B 364 -35.24 -8.35 -17.03
N HIS B 365 -35.70 -7.18 -17.53
CA HIS B 365 -35.75 -6.84 -18.94
C HIS B 365 -34.57 -5.93 -19.15
N ASP B 366 -33.50 -6.43 -19.68
CA ASP B 366 -32.23 -5.68 -19.88
C ASP B 366 -31.86 -5.61 -21.35
N GLN B 367 -32.77 -5.02 -22.10
CA GLN B 367 -32.59 -4.87 -23.48
C GLN B 367 -31.21 -4.07 -23.73
N ASN B 368 -30.87 -3.13 -22.88
CA ASN B 368 -29.54 -2.46 -22.97
C ASN B 368 -28.34 -3.42 -22.94
N ARG B 369 -28.40 -4.46 -22.09
CA ARG B 369 -27.37 -5.44 -22.06
C ARG B 369 -27.36 -6.29 -23.33
N ILE B 370 -28.56 -6.66 -23.79
CA ILE B 370 -28.69 -7.36 -25.03
C ILE B 370 -28.07 -6.53 -26.18
N ASP B 371 -28.39 -5.27 -26.29
CA ASP B 371 -27.80 -4.43 -27.32
C ASP B 371 -26.28 -4.36 -27.28
N TYR B 372 -25.70 -4.20 -26.10
CA TYR B 372 -24.28 -4.24 -25.91
C TYR B 372 -23.61 -5.58 -26.41
N LEU B 373 -24.20 -6.71 -25.94
CA LEU B 373 -23.67 -8.04 -26.24
C LEU B 373 -23.77 -8.31 -27.74
N ARG B 374 -24.90 -7.98 -28.33
CA ARG B 374 -25.04 -8.13 -29.80
C ARG B 374 -23.98 -7.37 -30.59
N ALA B 375 -23.78 -6.10 -30.21
CA ALA B 375 -22.88 -5.25 -30.97
C ALA B 375 -21.46 -5.79 -30.88
N HIS B 376 -21.07 -6.30 -29.72
CA HIS B 376 -19.69 -6.88 -29.55
C HIS B 376 -19.48 -8.24 -30.20
N ILE B 377 -20.48 -9.15 -30.11
CA ILE B 377 -20.40 -10.45 -30.73
C ILE B 377 -20.30 -10.31 -32.28
N GLU B 378 -21.00 -9.31 -32.81
CA GLU B 378 -20.99 -9.04 -34.25
C GLU B 378 -19.55 -8.66 -34.68
N GLN B 379 -18.92 -7.85 -33.82
CA GLN B 379 -17.57 -7.42 -34.02
C GLN B 379 -16.52 -8.55 -33.88
N VAL B 380 -16.74 -9.47 -32.98
CA VAL B 380 -15.92 -10.65 -32.81
C VAL B 380 -16.07 -11.53 -34.05
N TRP B 381 -17.28 -11.59 -34.63
CA TRP B 381 -17.47 -12.31 -35.88
C TRP B 381 -16.68 -11.77 -37.03
N ARG B 382 -16.66 -10.45 -37.15
CA ARG B 382 -15.96 -9.77 -38.21
C ARG B 382 -14.46 -10.09 -38.04
N ALA B 383 -13.98 -10.16 -36.80
CA ALA B 383 -12.55 -10.47 -36.55
C ALA B 383 -12.22 -11.85 -37.05
N ILE B 384 -13.14 -12.80 -36.85
CA ILE B 384 -12.98 -14.23 -37.30
C ILE B 384 -12.92 -14.20 -38.84
N GLN B 385 -13.81 -13.45 -39.46
CA GLN B 385 -13.77 -13.37 -40.98
C GLN B 385 -12.42 -12.79 -41.49
N ASP B 386 -11.75 -11.97 -40.68
CA ASP B 386 -10.48 -11.35 -41.08
C ASP B 386 -9.25 -12.12 -40.58
N GLY B 387 -9.48 -13.38 -40.18
CA GLY B 387 -8.48 -14.36 -39.84
C GLY B 387 -8.05 -14.44 -38.40
N VAL B 388 -8.68 -13.78 -37.45
CA VAL B 388 -8.21 -13.93 -36.06
C VAL B 388 -8.62 -15.35 -35.63
N PRO B 389 -7.69 -16.22 -35.12
CA PRO B 389 -8.06 -17.62 -34.76
C PRO B 389 -8.83 -17.70 -33.37
N LEU B 390 -10.00 -17.15 -33.33
CA LEU B 390 -10.77 -17.05 -32.14
C LEU B 390 -11.50 -18.38 -31.84
N LYS B 391 -11.20 -18.99 -30.70
CA LYS B 391 -11.81 -20.29 -30.40
C LYS B 391 -13.02 -20.24 -29.50
N GLY B 392 -13.29 -19.09 -28.93
CA GLY B 392 -14.38 -18.94 -27.94
C GLY B 392 -14.56 -17.53 -27.40
N TYR B 393 -15.72 -17.35 -26.72
CA TYR B 393 -16.24 -16.09 -26.21
C TYR B 393 -16.98 -16.34 -24.92
N PHE B 394 -16.53 -15.72 -23.82
CA PHE B 394 -17.11 -15.82 -22.49
C PHE B 394 -17.76 -14.49 -22.04
N VAL B 395 -19.04 -14.57 -21.67
CA VAL B 395 -19.75 -13.40 -21.14
C VAL B 395 -19.32 -13.16 -19.69
N TRP B 396 -18.85 -11.94 -19.40
CA TRP B 396 -18.61 -11.47 -17.99
C TRP B 396 -19.93 -10.78 -17.63
N SER B 397 -20.71 -11.22 -16.65
CA SER B 397 -20.54 -12.39 -15.81
C SER B 397 -21.78 -13.30 -15.89
N LEU B 398 -21.64 -14.58 -15.48
CA LEU B 398 -22.82 -15.43 -15.24
C LEU B 398 -23.79 -14.74 -14.22
N LEU B 399 -23.28 -14.28 -13.09
CA LEU B 399 -24.01 -13.74 -12.05
C LEU B 399 -23.66 -12.28 -11.74
N ASP B 400 -24.65 -11.50 -11.31
CA ASP B 400 -24.37 -10.26 -10.66
C ASP B 400 -23.50 -10.62 -9.42
N ASN B 401 -22.60 -9.69 -9.03
CA ASN B 401 -21.53 -10.06 -8.06
C ASN B 401 -20.81 -8.77 -7.53
N PHE B 402 -19.86 -9.04 -6.64
CA PHE B 402 -19.03 -8.06 -5.96
C PHE B 402 -18.06 -7.48 -6.97
N GLU B 403 -18.38 -6.27 -7.47
CA GLU B 403 -17.61 -5.60 -8.45
C GLU B 403 -16.48 -4.69 -7.74
N TRP B 404 -15.61 -5.41 -7.06
CA TRP B 404 -14.37 -4.90 -6.53
C TRP B 404 -14.61 -3.62 -5.71
N ALA B 405 -13.96 -2.54 -6.06
CA ALA B 405 -14.10 -1.27 -5.24
C ALA B 405 -15.47 -0.59 -5.37
N GLU B 406 -16.27 -1.04 -6.34
CA GLU B 406 -17.67 -0.59 -6.50
C GLU B 406 -18.63 -1.42 -5.70
N GLY B 407 -18.18 -2.57 -5.15
CA GLY B 407 -19.03 -3.40 -4.33
C GLY B 407 -20.21 -3.92 -5.17
N TYR B 408 -21.34 -4.17 -4.52
CA TYR B 408 -22.49 -4.73 -5.19
C TYR B 408 -23.28 -3.77 -6.08
N SER B 409 -22.96 -2.50 -6.12
CA SER B 409 -23.77 -1.52 -6.81
C SER B 409 -23.69 -1.68 -8.33
N LYS B 410 -22.77 -2.47 -8.84
CA LYS B 410 -22.60 -2.58 -10.32
C LYS B 410 -22.89 -4.05 -10.70
N ARG B 411 -23.99 -4.26 -11.42
CA ARG B 411 -24.49 -5.58 -11.82
C ARG B 411 -24.05 -5.90 -13.27
N PHE B 412 -23.20 -6.92 -13.44
CA PHE B 412 -22.77 -7.42 -14.79
C PHE B 412 -23.42 -8.74 -15.31
N GLY B 413 -24.17 -9.33 -14.45
CA GLY B 413 -24.79 -10.66 -14.75
C GLY B 413 -25.70 -10.75 -15.97
N ILE B 414 -25.74 -11.97 -16.52
CA ILE B 414 -26.87 -12.38 -17.34
C ILE B 414 -27.93 -13.07 -16.44
N VAL B 415 -27.60 -13.27 -15.17
CA VAL B 415 -28.50 -13.77 -14.14
C VAL B 415 -28.48 -12.77 -12.96
N TYR B 416 -29.67 -12.29 -12.54
CA TYR B 416 -29.78 -11.31 -11.48
C TYR B 416 -29.74 -12.04 -10.18
N VAL B 417 -29.10 -11.43 -9.20
CA VAL B 417 -29.08 -11.98 -7.87
C VAL B 417 -29.64 -10.95 -6.92
N ASP B 418 -30.70 -11.36 -6.25
CA ASP B 418 -31.32 -10.54 -5.16
C ASP B 418 -30.58 -10.85 -3.90
N TYR B 419 -29.87 -9.86 -3.40
CA TYR B 419 -28.95 -10.09 -2.25
C TYR B 419 -29.71 -10.18 -0.91
N ASN B 420 -30.99 -9.80 -0.84
CA ASN B 420 -31.79 -10.10 0.37
C ASN B 420 -32.17 -11.54 0.48
N THR B 421 -32.46 -12.27 -0.59
CA THR B 421 -32.95 -13.60 -0.47
C THR B 421 -32.05 -14.62 -1.12
N GLN B 422 -31.01 -14.17 -1.82
CA GLN B 422 -30.22 -15.07 -2.77
C GLN B 422 -30.94 -15.68 -3.96
N LYS B 423 -32.15 -15.17 -4.24
CA LYS B 423 -32.87 -15.64 -5.42
C LYS B 423 -32.13 -15.29 -6.69
N ARG B 424 -32.07 -16.25 -7.61
CA ARG B 424 -31.54 -15.97 -8.94
C ARG B 424 -32.77 -15.76 -9.94
N ILE B 425 -32.63 -14.86 -10.86
CA ILE B 425 -33.52 -14.65 -11.93
C ILE B 425 -32.73 -14.57 -13.24
N ILE B 426 -33.04 -15.41 -14.21
CA ILE B 426 -32.32 -15.31 -15.46
C ILE B 426 -32.84 -14.09 -16.16
N LYS B 427 -31.93 -13.20 -16.61
CA LYS B 427 -32.33 -11.97 -17.13
C LYS B 427 -32.73 -12.20 -18.63
N ASP B 428 -33.40 -11.26 -19.29
CA ASP B 428 -33.64 -11.41 -20.75
C ASP B 428 -32.35 -11.69 -21.61
N SER B 429 -31.25 -11.06 -21.20
CA SER B 429 -29.96 -11.31 -21.79
C SER B 429 -29.53 -12.79 -21.73
N GLY B 430 -29.73 -13.43 -20.59
CA GLY B 430 -29.48 -14.82 -20.53
C GLY B 430 -30.31 -15.67 -21.49
N TYR B 431 -31.57 -15.37 -21.64
CA TYR B 431 -32.47 -16.10 -22.63
C TYR B 431 -31.99 -15.81 -24.06
N TRP B 432 -31.53 -14.56 -24.25
CA TRP B 432 -31.07 -14.14 -25.60
C TRP B 432 -29.72 -14.84 -25.95
N TYR B 433 -28.79 -14.82 -25.00
CA TYR B 433 -27.54 -15.51 -25.19
C TYR B 433 -27.80 -17.02 -25.46
N SER B 434 -28.76 -17.59 -24.74
CA SER B 434 -29.12 -19.03 -24.86
C SER B 434 -29.41 -19.36 -26.33
N ASN B 435 -30.14 -18.46 -26.98
CA ASN B 435 -30.36 -18.58 -28.44
C ASN B 435 -29.18 -18.34 -29.35
N VAL B 436 -28.31 -17.39 -28.97
CA VAL B 436 -27.07 -17.27 -29.71
C VAL B 436 -26.30 -18.65 -29.73
N ILE B 437 -26.27 -19.31 -28.60
CA ILE B 437 -25.54 -20.54 -28.45
C ILE B 437 -26.24 -21.61 -29.35
N LYS B 438 -27.54 -21.71 -29.22
CA LYS B 438 -28.33 -22.64 -30.05
C LYS B 438 -28.17 -22.47 -31.60
N ASN B 439 -28.07 -21.26 -32.05
CA ASN B 439 -27.94 -21.01 -33.44
C ASN B 439 -26.46 -20.94 -33.90
N ASN B 440 -25.54 -21.02 -32.95
CA ASN B 440 -24.14 -20.71 -33.15
C ASN B 440 -23.90 -19.36 -33.81
N GLY B 441 -24.63 -18.34 -33.33
CA GLY B 441 -24.46 -16.99 -33.81
C GLY B 441 -25.69 -16.14 -33.74
N LEU B 442 -25.67 -15.02 -34.45
CA LEU B 442 -26.67 -13.99 -34.31
C LEU B 442 -27.71 -14.11 -35.43
N THR B 443 -28.96 -13.91 -35.06
CA THR B 443 -30.10 -13.91 -36.04
C THR B 443 -31.08 -12.65 -36.00
N ASP B 444 -30.71 -11.52 -35.38
CA ASP B 444 -31.65 -10.33 -35.02
C ASP B 444 -31.14 -8.85 -35.08
C ACT C . 7.96 16.65 11.82
O ACT C . 7.07 17.53 12.29
OXT ACT C . 8.40 16.50 10.65
CH3 ACT C . 8.54 15.73 12.78
C ACT D . -1.49 16.15 14.90
O ACT D . -0.59 16.53 14.16
OXT ACT D . -2.57 15.63 14.43
CH3 ACT D . -1.14 16.35 16.36
C ACT E . -15.20 -7.36 -13.74
O ACT E . -15.80 -6.55 -14.57
OXT ACT E . -15.37 -7.45 -12.51
CH3 ACT E . -14.19 -8.24 -14.27
#